data_5DTJ
#
_entry.id   5DTJ
#
_cell.length_a   79.487
_cell.length_b   113.367
_cell.length_c   227.117
_cell.angle_alpha   90.00
_cell.angle_beta   90.00
_cell.angle_gamma   90.00
#
_symmetry.space_group_name_H-M   'P 21 21 21'
#
loop_
_entity.id
_entity.type
_entity.pdbx_description
1 polymer Acetylcholinesterase
2 non-polymer 1-[5-(2,4-dichlorophenoxy)pentyl]-1H-imidazole
#
_entity_poly.entity_id   1
_entity_poly.type   'polypeptide(L)'
_entity_poly.pdbx_seq_one_letter_code
;DPMEGREDPQLLVRVRGGQLRGIRLKAPGGPVSAFLGIPFAEPPVGSRRFMPPEPKRPWSGVLDATTFQNVCYQYVDTLY
PGFEGTEMWNPNRELSEDCLYLNVWTPYPRPASPTPVLIWIYGGGFYSGAASLDVYDGRFLAQVEGAVLVSMNYRVGTFG
FLALPGSREAPGNVGLLDQRLALQWVQENIAAFGGDPMSVTLFGE(MIS)AGAASVGMHILSLPSRSLFHRAVLQSGTPN
GPWATVSAGEARRRATLLARLVGCPPGGAGGNDTELIACLRTRPAQDLVDHEWHVLPQESIFRFSFVPVVDGDFLSDTPE
ALINTGDFQDLQVLVGVVKDEGSYFLVYGVPGFSKDNESLISRAQFLAGVRIGVPQASDLAAEAVVLHYTDWLHPEDPTH
LRDAMSAVVGDHNVVCPVAQLAGRLAAQGARVYAYIFEHRASTLTWPLWMGVPHGYEIEFIFGLPLDPSLNYTTEERIFA
QRLMKYWTNFARTGDPNDPRDSKSPQWPPYTTAAQQYVSLNLKPLEVRRGLRAQTCAFWNRFLPKLLSA
;
_entity_poly.pdbx_strand_id   A,B
#
# COMPACT_ATOMS: atom_id res chain seq x y z
N ASP A 1 -42.44 54.54 -6.77
CA ASP A 1 -41.39 54.52 -7.80
C ASP A 1 -41.88 55.28 -9.03
N PRO A 2 -41.83 56.62 -8.97
CA PRO A 2 -42.45 57.49 -9.98
C PRO A 2 -41.85 57.35 -11.38
N MET A 3 -40.80 56.55 -11.52
CA MET A 3 -40.16 56.40 -12.83
C MET A 3 -40.42 55.03 -13.47
N GLU A 4 -41.23 54.19 -12.82
CA GLU A 4 -41.50 52.84 -13.33
C GLU A 4 -41.93 52.78 -14.79
N GLY A 5 -42.83 53.69 -15.16
CA GLY A 5 -43.47 53.68 -16.47
C GLY A 5 -42.50 53.86 -17.60
N ARG A 6 -41.28 54.29 -17.27
CA ARG A 6 -40.23 54.48 -18.24
C ARG A 6 -39.04 53.53 -18.07
N GLU A 7 -38.97 52.76 -16.97
CA GLU A 7 -37.88 51.79 -16.77
C GLU A 7 -38.20 50.53 -17.61
N ASP A 8 -37.27 49.57 -17.70
CA ASP A 8 -37.52 48.28 -18.36
C ASP A 8 -38.49 47.41 -17.57
N PRO A 9 -39.66 47.11 -18.15
CA PRO A 9 -40.69 46.33 -17.46
C PRO A 9 -40.27 44.91 -17.14
N GLN A 10 -39.21 44.42 -17.76
CA GLN A 10 -38.85 43.02 -17.57
C GLN A 10 -37.82 42.82 -16.47
N LEU A 11 -37.57 43.88 -15.69
CA LEU A 11 -36.57 43.82 -14.64
C LEU A 11 -37.16 44.22 -13.28
N LEU A 12 -38.48 44.32 -13.24
CA LEU A 12 -39.19 44.59 -11.98
C LEU A 12 -39.80 43.31 -11.46
N VAL A 13 -39.52 43.03 -10.19
CA VAL A 13 -39.95 41.80 -9.52
C VAL A 13 -40.31 42.12 -8.08
N ARG A 14 -41.41 41.54 -7.58
CA ARG A 14 -41.76 41.65 -6.16
C ARG A 14 -41.44 40.36 -5.41
N VAL A 15 -40.77 40.48 -4.27
CA VAL A 15 -40.55 39.37 -3.34
C VAL A 15 -41.18 39.75 -2.01
N ARG A 16 -41.25 38.79 -1.09
CA ARG A 16 -41.88 38.99 0.23
C ARG A 16 -41.48 40.29 0.95
N GLY A 17 -40.32 40.85 0.63
CA GLY A 17 -39.84 41.99 1.39
C GLY A 17 -40.05 43.32 0.69
N GLY A 18 -40.58 43.29 -0.52
CA GLY A 18 -40.68 44.50 -1.31
C GLY A 18 -40.39 44.31 -2.79
N GLN A 19 -40.22 45.43 -3.50
CA GLN A 19 -39.91 45.43 -4.93
C GLN A 19 -38.42 45.52 -5.17
N LEU A 20 -37.95 44.88 -6.26
CA LEU A 20 -36.55 44.99 -6.71
C LEU A 20 -36.52 45.28 -8.19
N ARG A 21 -35.46 45.98 -8.59
CA ARG A 21 -35.18 46.25 -9.98
C ARG A 21 -33.81 45.68 -10.25
N GLY A 22 -33.75 44.66 -11.10
CA GLY A 22 -32.48 44.08 -11.49
C GLY A 22 -31.83 44.78 -12.67
N ILE A 23 -30.97 44.05 -13.37
CA ILE A 23 -30.22 44.60 -14.47
C ILE A 23 -30.04 43.57 -15.58
N ARG A 24 -30.08 44.06 -16.81
CA ARG A 24 -29.91 43.28 -18.03
C ARG A 24 -28.41 43.14 -18.29
N LEU A 25 -27.87 41.94 -18.14
CA LEU A 25 -26.44 41.77 -18.37
C LEU A 25 -26.18 41.11 -19.72
N LYS A 26 -25.09 41.49 -20.37
CA LYS A 26 -24.67 40.84 -21.61
C LYS A 26 -23.89 39.56 -21.31
N ALA A 27 -24.35 38.46 -21.88
CA ALA A 27 -23.59 37.21 -21.89
C ALA A 27 -23.31 36.91 -23.35
N PRO A 28 -22.29 36.09 -23.64
CA PRO A 28 -21.83 35.96 -25.03
C PRO A 28 -22.92 35.61 -26.05
N GLY A 29 -23.95 34.87 -25.65
CA GLY A 29 -24.96 34.41 -26.58
C GLY A 29 -26.31 35.11 -26.52
N GLY A 30 -26.37 36.22 -25.78
CA GLY A 30 -27.63 36.88 -25.51
C GLY A 30 -27.64 37.44 -24.11
N PRO A 31 -28.72 38.17 -23.78
CA PRO A 31 -28.86 38.85 -22.48
C PRO A 31 -29.35 37.92 -21.37
N VAL A 32 -29.00 38.26 -20.14
CA VAL A 32 -29.53 37.59 -18.95
C VAL A 32 -30.07 38.62 -17.99
N SER A 33 -30.91 38.15 -17.06
CA SER A 33 -31.40 39.02 -15.99
C SER A 33 -30.53 38.79 -14.78
N ALA A 34 -30.14 39.87 -14.11
CA ALA A 34 -29.40 39.71 -12.88
C ALA A 34 -30.00 40.57 -11.79
N PHE A 35 -30.23 39.95 -10.63
CA PHE A 35 -30.69 40.66 -9.45
C PHE A 35 -29.64 40.47 -8.38
N LEU A 36 -28.89 41.54 -8.08
CA LEU A 36 -27.73 41.42 -7.20
C LEU A 36 -27.88 42.26 -5.93
N GLY A 37 -27.42 41.68 -4.81
CA GLY A 37 -27.46 42.33 -3.51
C GLY A 37 -28.84 42.42 -2.89
N ILE A 38 -29.62 41.36 -3.00
CA ILE A 38 -30.89 41.26 -2.31
C ILE A 38 -30.66 40.93 -0.83
N PRO A 39 -31.07 41.81 0.08
CA PRO A 39 -30.87 41.46 1.49
C PRO A 39 -31.78 40.31 1.85
N PHE A 40 -31.27 39.28 2.49
CA PHE A 40 -32.13 38.21 2.91
C PHE A 40 -32.12 38.12 4.43
N ALA A 41 -31.39 39.03 5.06
CA ALA A 41 -31.28 39.02 6.51
C ALA A 41 -31.04 40.41 7.07
N GLU A 42 -31.43 40.61 8.34
CA GLU A 42 -31.05 41.84 9.03
C GLU A 42 -29.55 41.77 9.22
N PRO A 43 -28.85 42.86 8.92
CA PRO A 43 -27.39 42.92 9.00
C PRO A 43 -26.91 42.43 10.35
N PRO A 44 -26.10 41.38 10.36
CA PRO A 44 -25.74 40.75 11.63
C PRO A 44 -24.65 41.54 12.36
N VAL A 45 -24.93 42.80 12.65
CA VAL A 45 -23.93 43.69 13.25
C VAL A 45 -24.25 44.02 14.70
N GLY A 46 -23.40 44.81 15.35
CA GLY A 46 -23.56 45.16 16.74
C GLY A 46 -23.92 44.01 17.65
N SER A 47 -25.08 44.10 18.28
CA SER A 47 -25.50 43.09 19.24
C SER A 47 -25.76 41.75 18.56
N ARG A 48 -25.85 41.78 17.23
CA ARG A 48 -26.18 40.58 16.46
C ARG A 48 -24.92 39.81 16.01
N ARG A 49 -23.73 40.34 16.27
CA ARG A 49 -22.52 39.58 15.95
C ARG A 49 -22.53 38.26 16.71
N PHE A 50 -22.19 37.18 15.99
CA PHE A 50 -22.20 35.81 16.50
C PHE A 50 -23.61 35.22 16.68
N MET A 51 -24.64 36.06 16.62
CA MET A 51 -26.01 35.59 16.78
C MET A 51 -26.51 34.97 15.48
N PRO A 52 -27.50 34.07 15.56
CA PRO A 52 -28.18 33.55 14.37
C PRO A 52 -28.78 34.67 13.52
N PRO A 53 -28.92 34.44 12.21
CA PRO A 53 -29.45 35.48 11.33
C PRO A 53 -30.93 35.73 11.61
N GLU A 54 -31.34 36.99 11.63
CA GLU A 54 -32.77 37.33 11.67
C GLU A 54 -33.25 37.71 10.27
N PRO A 55 -34.38 37.13 9.85
CA PRO A 55 -34.97 37.38 8.52
C PRO A 55 -35.15 38.87 8.21
N LYS A 56 -34.82 39.23 6.97
CA LYS A 56 -34.87 40.62 6.51
C LYS A 56 -36.28 41.21 6.65
N ARG A 57 -36.34 42.38 7.28
CA ARG A 57 -37.60 43.10 7.47
C ARG A 57 -37.96 43.91 6.22
N PRO A 58 -39.24 43.85 5.82
CA PRO A 58 -39.68 44.46 4.57
C PRO A 58 -39.26 45.93 4.42
N TRP A 59 -38.95 46.31 3.20
CA TRP A 59 -38.55 47.69 2.85
C TRP A 59 -39.64 48.35 2.01
N SER A 60 -39.65 49.67 1.99
CA SER A 60 -40.53 50.38 1.08
C SER A 60 -39.71 50.82 -0.12
N GLY A 61 -40.38 51.03 -1.23
CA GLY A 61 -39.72 51.45 -2.44
C GLY A 61 -39.13 50.30 -3.21
N VAL A 62 -38.61 50.62 -4.38
CA VAL A 62 -37.88 49.68 -5.21
C VAL A 62 -36.41 49.59 -4.79
N LEU A 63 -36.03 48.42 -4.30
CA LEU A 63 -34.63 48.20 -3.95
C LEU A 63 -33.76 48.07 -5.21
N ASP A 64 -32.73 48.90 -5.30
CA ASP A 64 -31.74 48.74 -6.36
C ASP A 64 -31.02 47.39 -6.19
N ALA A 65 -31.12 46.53 -7.21
CA ALA A 65 -30.58 45.19 -7.18
C ALA A 65 -29.76 44.96 -8.44
N THR A 66 -28.88 45.92 -8.72
CA THR A 66 -28.12 45.91 -9.98
C THR A 66 -26.61 45.75 -9.76
N THR A 67 -26.16 45.73 -8.50
CA THR A 67 -24.74 45.57 -8.19
C THR A 67 -24.51 44.67 -6.98
N PHE A 68 -23.36 43.99 -6.95
CA PHE A 68 -23.01 43.15 -5.81
C PHE A 68 -22.88 43.94 -4.53
N GLN A 69 -23.27 43.33 -3.42
CA GLN A 69 -23.12 43.96 -2.13
C GLN A 69 -21.80 43.62 -1.47
N ASN A 70 -21.66 44.03 -0.21
CA ASN A 70 -20.44 43.85 0.54
C ASN A 70 -19.99 42.40 0.69
N VAL A 71 -18.68 42.21 0.86
CA VAL A 71 -18.13 40.91 1.12
C VAL A 71 -18.06 40.72 2.64
N CYS A 72 -18.39 39.52 3.12
CA CYS A 72 -18.36 39.25 4.56
C CYS A 72 -16.95 39.41 5.10
N TYR A 73 -16.84 40.03 6.27
CA TYR A 73 -15.54 40.40 6.81
C TYR A 73 -14.61 39.18 6.95
N GLN A 74 -13.40 39.31 6.42
CA GLN A 74 -12.50 38.17 6.30
C GLN A 74 -11.05 38.59 6.10
N TYR A 75 -10.14 37.64 6.32
CA TYR A 75 -8.72 37.82 6.02
C TYR A 75 -8.53 38.03 4.52
N VAL A 76 -7.62 38.91 4.13
CA VAL A 76 -7.26 39.01 2.72
C VAL A 76 -5.82 38.59 2.46
N ASP A 77 -5.66 37.58 1.58
CA ASP A 77 -4.35 37.04 1.21
C ASP A 77 -3.44 38.05 0.53
N THR A 78 -2.17 38.07 0.94
CA THR A 78 -1.22 39.02 0.40
C THR A 78 0.14 38.39 0.18
N LEU A 79 0.20 37.05 0.28
CA LEU A 79 1.42 36.29 0.03
C LEU A 79 2.06 36.69 -1.31
N TYR A 80 1.23 36.90 -2.33
CA TYR A 80 1.72 37.23 -3.66
C TYR A 80 1.02 38.45 -4.26
N PRO A 81 1.53 39.64 -3.94
CA PRO A 81 1.04 40.92 -4.47
C PRO A 81 0.82 40.92 -5.99
N GLY A 82 -0.42 41.13 -6.41
CA GLY A 82 -0.72 41.30 -7.82
C GLY A 82 -0.73 40.02 -8.65
N PHE A 83 -0.60 38.89 -7.98
CA PHE A 83 -0.62 37.58 -8.64
C PHE A 83 -2.04 37.07 -8.89
N GLU A 84 -2.38 36.78 -10.15
CA GLU A 84 -3.73 36.32 -10.48
C GLU A 84 -4.13 35.04 -9.73
N GLY A 85 -3.14 34.25 -9.37
CA GLY A 85 -3.41 32.98 -8.70
C GLY A 85 -4.12 33.15 -7.38
N THR A 86 -3.79 34.21 -6.64
CA THR A 86 -4.42 34.42 -5.36
C THR A 86 -5.48 35.54 -5.41
N GLU A 87 -5.24 36.55 -6.25
CA GLU A 87 -6.12 37.70 -6.34
C GLU A 87 -7.51 37.33 -6.89
N MET A 88 -7.61 36.25 -7.66
CA MET A 88 -8.90 35.90 -8.23
C MET A 88 -9.83 35.40 -7.13
N TRP A 89 -9.24 35.02 -6.00
CA TRP A 89 -10.03 34.52 -4.87
C TRP A 89 -10.25 35.61 -3.81
N ASN A 90 -9.65 36.76 -4.00
CA ASN A 90 -9.77 37.83 -3.02
C ASN A 90 -11.08 38.60 -3.21
N PRO A 91 -11.56 39.22 -2.11
CA PRO A 91 -12.75 40.08 -2.13
C PRO A 91 -12.71 41.11 -3.27
N ASN A 92 -13.86 41.32 -3.90
CA ASN A 92 -13.95 42.26 -5.01
C ASN A 92 -15.01 43.33 -4.72
N ARG A 93 -15.42 43.41 -3.46
CA ARG A 93 -16.26 44.50 -2.94
C ARG A 93 -15.76 44.86 -1.53
N GLU A 94 -16.31 45.92 -0.96
CA GLU A 94 -15.90 46.35 0.37
C GLU A 94 -16.20 45.30 1.47
N LEU A 95 -15.25 45.07 2.37
CA LEU A 95 -15.52 44.23 3.53
C LEU A 95 -16.44 44.91 4.53
N SER A 96 -17.40 44.16 5.06
CA SER A 96 -18.33 44.69 6.06
C SER A 96 -19.07 43.59 6.78
N GLU A 97 -19.42 43.80 8.04
CA GLU A 97 -20.15 42.78 8.77
C GLU A 97 -21.56 42.66 8.20
N ASP A 98 -22.02 43.78 7.67
CA ASP A 98 -23.28 43.89 6.97
C ASP A 98 -23.07 43.34 5.60
N CYS A 99 -23.27 42.03 5.44
CA CYS A 99 -22.93 41.35 4.20
C CYS A 99 -23.91 40.26 3.81
N LEU A 100 -25.01 40.10 4.54
CA LEU A 100 -25.92 39.01 4.24
C LEU A 100 -26.85 39.35 3.06
N TYR A 101 -26.32 39.24 1.84
CA TYR A 101 -27.07 39.49 0.61
C TYR A 101 -26.92 38.31 -0.34
N LEU A 102 -27.89 38.09 -1.23
CA LEU A 102 -27.76 37.01 -2.22
C LEU A 102 -28.00 37.52 -3.63
N ASN A 103 -27.68 36.71 -4.64
CA ASN A 103 -27.85 37.11 -6.03
C ASN A 103 -28.60 36.07 -6.86
N VAL A 104 -29.40 36.56 -7.81
CA VAL A 104 -30.16 35.70 -8.71
C VAL A 104 -29.88 36.00 -10.17
N TRP A 105 -29.46 35.00 -10.93
CA TRP A 105 -29.37 35.09 -12.39
C TRP A 105 -30.48 34.26 -13.06
N THR A 106 -31.19 34.85 -14.00
CA THR A 106 -32.18 34.11 -14.79
C THR A 106 -32.05 34.48 -16.25
N PRO A 107 -32.65 33.69 -17.16
CA PRO A 107 -32.71 34.12 -18.57
C PRO A 107 -33.40 35.48 -18.73
N TYR A 108 -33.24 36.12 -19.89
CA TYR A 108 -33.91 37.41 -20.17
C TYR A 108 -34.66 37.40 -21.50
N PRO A 109 -36.00 37.47 -21.44
CA PRO A 109 -36.78 37.68 -20.22
C PRO A 109 -36.89 36.41 -19.40
N ARG A 110 -37.35 36.54 -18.16
CA ARG A 110 -37.50 35.42 -17.24
C ARG A 110 -38.33 34.27 -17.81
N PRO A 111 -38.01 33.03 -17.43
CA PRO A 111 -38.64 31.83 -18.00
C PRO A 111 -40.17 31.82 -17.90
N ALA A 112 -40.86 31.31 -18.92
CA ALA A 112 -42.33 31.24 -18.90
C ALA A 112 -42.84 30.26 -17.84
N SER A 113 -42.27 29.06 -17.83
CA SER A 113 -42.65 27.99 -16.91
C SER A 113 -41.53 27.70 -15.88
N PRO A 114 -41.88 27.12 -14.71
CA PRO A 114 -40.94 26.89 -13.60
C PRO A 114 -39.65 26.19 -14.01
N THR A 115 -38.55 26.83 -13.64
CA THR A 115 -37.24 26.37 -14.09
C THR A 115 -36.38 25.91 -12.91
N PRO A 116 -35.73 24.74 -13.04
CA PRO A 116 -34.85 24.18 -12.00
C PRO A 116 -33.84 25.20 -11.48
N VAL A 117 -33.65 25.22 -10.16
CA VAL A 117 -32.76 26.18 -9.50
C VAL A 117 -31.48 25.54 -8.99
N LEU A 118 -30.34 26.12 -9.36
CA LEU A 118 -29.04 25.80 -8.77
C LEU A 118 -28.68 26.84 -7.73
N ILE A 119 -28.40 26.43 -6.50
CA ILE A 119 -27.90 27.35 -5.47
C ILE A 119 -26.41 27.11 -5.17
N TRP A 120 -25.58 28.13 -5.35
CA TRP A 120 -24.14 28.01 -5.15
C TRP A 120 -23.68 28.45 -3.77
N ILE A 121 -23.01 27.54 -3.06
CA ILE A 121 -22.38 27.88 -1.80
C ILE A 121 -20.85 27.87 -1.95
N TYR A 122 -20.23 29.04 -1.82
CA TYR A 122 -18.79 29.13 -2.12
C TYR A 122 -17.89 28.52 -1.06
N GLY A 123 -16.67 28.22 -1.48
CA GLY A 123 -15.63 27.77 -0.56
C GLY A 123 -14.76 28.92 -0.07
N GLY A 124 -13.65 28.56 0.57
CA GLY A 124 -12.76 29.53 1.19
C GLY A 124 -12.35 29.15 2.61
N GLY A 125 -12.35 27.85 2.92
CA GLY A 125 -11.95 27.33 4.21
C GLY A 125 -12.70 27.88 5.42
N PHE A 126 -13.92 28.34 5.18
CA PHE A 126 -14.74 28.98 6.22
C PHE A 126 -14.12 30.25 6.80
N TYR A 127 -12.99 30.72 6.26
CA TYR A 127 -12.38 31.95 6.75
C TYR A 127 -12.44 33.06 5.70
N SER A 128 -12.99 32.74 4.53
CA SER A 128 -12.92 33.64 3.37
C SER A 128 -13.95 33.27 2.29
N GLY A 129 -14.08 34.13 1.27
CA GLY A 129 -14.97 33.84 0.15
C GLY A 129 -16.10 34.83 -0.05
N ALA A 130 -16.69 34.85 -1.24
CA ALA A 130 -17.75 35.79 -1.56
C ALA A 130 -18.53 35.29 -2.80
N ALA A 131 -19.82 35.63 -2.90
CA ALA A 131 -20.64 35.11 -3.99
C ALA A 131 -20.50 35.95 -5.27
N SER A 132 -19.72 37.01 -5.16
CA SER A 132 -19.53 38.01 -6.20
C SER A 132 -18.25 37.88 -7.01
N LEU A 133 -17.42 36.88 -6.69
CA LEU A 133 -16.18 36.66 -7.45
C LEU A 133 -16.45 36.30 -8.91
N ASP A 134 -15.65 36.85 -9.82
CA ASP A 134 -15.80 36.57 -11.26
C ASP A 134 -15.97 35.10 -11.59
N VAL A 135 -15.43 34.23 -10.75
CA VAL A 135 -15.37 32.83 -11.05
C VAL A 135 -16.70 32.14 -10.73
N TYR A 136 -17.57 32.82 -9.98
CA TYR A 136 -18.90 32.27 -9.66
C TYR A 136 -20.03 32.99 -10.43
N ASP A 137 -19.71 33.57 -11.60
CA ASP A 137 -20.67 34.33 -12.40
C ASP A 137 -21.80 33.46 -12.95
N GLY A 138 -23.02 33.77 -12.52
CA GLY A 138 -24.16 32.98 -12.95
C GLY A 138 -24.67 33.23 -14.35
N ARG A 139 -24.09 34.19 -15.07
CA ARG A 139 -24.68 34.65 -16.33
C ARG A 139 -24.65 33.58 -17.44
N PHE A 140 -23.62 32.74 -17.46
CA PHE A 140 -23.47 31.75 -18.51
C PHE A 140 -24.40 30.57 -18.31
N LEU A 141 -24.58 30.14 -17.07
CA LEU A 141 -25.47 29.00 -16.84
C LEU A 141 -26.91 29.48 -17.12
N ALA A 142 -27.21 30.70 -16.72
CA ALA A 142 -28.51 31.32 -17.02
C ALA A 142 -28.76 31.42 -18.54
N GLN A 143 -27.87 32.10 -19.26
CA GLN A 143 -28.06 32.32 -20.70
C GLN A 143 -28.06 31.04 -21.53
N VAL A 144 -27.15 30.11 -21.25
CA VAL A 144 -26.94 28.96 -22.14
C VAL A 144 -27.80 27.75 -21.80
N GLU A 145 -28.04 27.50 -20.52
CA GLU A 145 -28.81 26.33 -20.09
C GLU A 145 -30.18 26.74 -19.59
N GLY A 146 -30.41 28.06 -19.51
CA GLY A 146 -31.70 28.59 -19.10
C GLY A 146 -31.94 28.44 -17.60
N ALA A 147 -30.85 28.34 -16.85
CA ALA A 147 -30.93 28.05 -15.43
C ALA A 147 -31.26 29.27 -14.61
N VAL A 148 -32.00 29.06 -13.53
CA VAL A 148 -32.07 30.04 -12.45
C VAL A 148 -30.99 29.67 -11.42
N LEU A 149 -30.12 30.62 -11.12
CA LEU A 149 -28.94 30.38 -10.32
C LEU A 149 -28.88 31.37 -9.18
N VAL A 150 -28.82 30.86 -7.96
CA VAL A 150 -28.79 31.69 -6.76
C VAL A 150 -27.49 31.47 -6.05
N SER A 151 -26.84 32.54 -5.61
CA SER A 151 -25.65 32.40 -4.76
C SER A 151 -25.70 33.41 -3.62
N MET A 152 -25.45 32.97 -2.40
CA MET A 152 -25.59 33.82 -1.21
C MET A 152 -24.25 34.07 -0.53
N ASN A 153 -24.15 35.22 0.15
CA ASN A 153 -23.04 35.46 1.07
C ASN A 153 -23.38 34.86 2.41
N TYR A 154 -22.39 34.25 3.06
CA TYR A 154 -22.59 33.78 4.42
C TYR A 154 -21.40 34.20 5.27
N ARG A 155 -21.63 34.43 6.56
CA ARG A 155 -20.57 34.91 7.44
C ARG A 155 -19.46 33.88 7.56
N VAL A 156 -18.20 34.32 7.51
CA VAL A 156 -17.06 33.39 7.68
C VAL A 156 -16.25 33.76 8.92
N GLY A 157 -15.16 33.04 9.15
CA GLY A 157 -14.24 33.37 10.21
C GLY A 157 -14.90 33.35 11.58
N THR A 158 -14.44 34.23 12.46
CA THR A 158 -15.03 34.28 13.78
C THR A 158 -16.52 34.59 13.69
N PHE A 159 -16.84 35.65 12.93
CA PHE A 159 -18.20 36.12 12.73
C PHE A 159 -19.19 35.02 12.37
N GLY A 160 -18.74 34.02 11.64
CA GLY A 160 -19.61 32.93 11.24
C GLY A 160 -19.55 31.68 12.10
N PHE A 161 -18.42 31.42 12.75
CA PHE A 161 -18.29 30.10 13.38
C PHE A 161 -17.69 30.08 14.75
N LEU A 162 -17.32 31.24 15.29
CA LEU A 162 -16.91 31.30 16.69
C LEU A 162 -18.09 30.89 17.54
N ALA A 163 -17.89 29.88 18.36
CA ALA A 163 -18.94 29.40 19.21
C ALA A 163 -18.43 29.25 20.64
N LEU A 164 -19.28 29.62 21.58
CA LEU A 164 -19.19 29.10 22.95
C LEU A 164 -20.39 28.19 23.11
N PRO A 165 -20.20 26.89 22.80
CA PRO A 165 -21.31 25.96 22.67
C PRO A 165 -22.16 25.92 23.92
N GLY A 166 -23.48 25.96 23.73
CA GLY A 166 -24.40 26.00 24.84
C GLY A 166 -24.81 27.40 25.25
N SER A 167 -24.04 28.42 24.89
CA SER A 167 -24.48 29.79 25.14
C SER A 167 -25.63 30.12 24.18
N ARG A 168 -26.31 31.23 24.44
CA ARG A 168 -27.37 31.67 23.57
C ARG A 168 -26.87 32.81 22.70
N GLU A 169 -25.75 33.41 23.13
CA GLU A 169 -25.21 34.60 22.48
C GLU A 169 -24.22 34.29 21.36
N ALA A 170 -23.72 33.05 21.34
CA ALA A 170 -22.81 32.60 20.30
C ALA A 170 -22.90 31.09 20.18
N PRO A 171 -24.01 30.60 19.64
CA PRO A 171 -24.26 29.16 19.62
C PRO A 171 -23.40 28.44 18.59
N GLY A 172 -22.86 29.16 17.63
CA GLY A 172 -22.06 28.54 16.58
C GLY A 172 -22.88 28.16 15.37
N ASN A 173 -22.19 27.75 14.32
CA ASN A 173 -22.80 27.41 13.04
C ASN A 173 -23.67 28.54 12.42
N VAL A 174 -23.57 29.77 12.93
CA VAL A 174 -24.45 30.81 12.41
C VAL A 174 -24.22 31.04 10.92
N GLY A 175 -23.02 30.76 10.44
CA GLY A 175 -22.71 30.89 9.04
C GLY A 175 -23.46 29.86 8.20
N LEU A 176 -23.70 28.68 8.79
CA LEU A 176 -24.50 27.67 8.12
C LEU A 176 -25.98 28.09 8.16
N LEU A 177 -26.35 28.80 9.22
CA LEU A 177 -27.71 29.31 9.41
C LEU A 177 -27.99 30.45 8.40
N ASP A 178 -26.95 31.24 8.11
CA ASP A 178 -27.05 32.27 7.07
C ASP A 178 -27.42 31.58 5.77
N GLN A 179 -26.75 30.47 5.49
CA GLN A 179 -26.98 29.74 4.26
C GLN A 179 -28.39 29.21 4.21
N ARG A 180 -28.85 28.69 5.35
CA ARG A 180 -30.17 28.10 5.41
C ARG A 180 -31.24 29.16 5.23
N LEU A 181 -31.03 30.31 5.87
CA LEU A 181 -31.95 31.42 5.73
C LEU A 181 -32.08 31.81 4.26
N ALA A 182 -30.99 31.77 3.52
CA ALA A 182 -31.04 32.06 2.09
C ALA A 182 -31.82 30.97 1.37
N LEU A 183 -31.68 29.72 1.83
CA LEU A 183 -32.38 28.61 1.21
C LEU A 183 -33.90 28.74 1.38
N GLN A 184 -34.30 29.12 2.59
CA GLN A 184 -35.68 29.41 2.91
C GLN A 184 -36.18 30.54 2.03
N TRP A 185 -35.37 31.59 1.93
CA TRP A 185 -35.71 32.74 1.08
C TRP A 185 -36.00 32.27 -0.33
N VAL A 186 -35.21 31.29 -0.81
CA VAL A 186 -35.41 30.81 -2.16
C VAL A 186 -36.76 30.11 -2.23
N GLN A 187 -37.10 29.37 -1.17
CA GLN A 187 -38.36 28.64 -1.14
C GLN A 187 -39.57 29.58 -1.24
N GLU A 188 -39.52 30.71 -0.55
CA GLU A 188 -40.68 31.59 -0.57
C GLU A 188 -40.72 32.45 -1.82
N ASN A 189 -39.57 32.73 -2.40
CA ASN A 189 -39.50 33.85 -3.32
C ASN A 189 -39.01 33.53 -4.74
N ILE A 190 -38.44 32.34 -4.96
CA ILE A 190 -37.79 32.09 -6.25
C ILE A 190 -38.81 31.99 -7.41
N ALA A 191 -40.05 31.59 -7.11
CA ALA A 191 -41.12 31.56 -8.14
C ALA A 191 -41.30 32.91 -8.82
N ALA A 192 -41.19 33.98 -8.06
CA ALA A 192 -41.27 35.32 -8.62
C ALA A 192 -40.19 35.62 -9.66
N PHE A 193 -39.32 34.65 -9.94
CA PHE A 193 -38.22 34.86 -10.89
C PHE A 193 -38.31 33.84 -12.03
N GLY A 194 -39.20 32.87 -11.88
CA GLY A 194 -39.32 31.82 -12.86
C GLY A 194 -38.65 30.56 -12.36
N GLY A 195 -38.22 30.62 -11.09
CA GLY A 195 -37.55 29.50 -10.46
C GLY A 195 -38.52 28.51 -9.85
N ASP A 196 -38.25 27.23 -10.05
CA ASP A 196 -39.06 26.14 -9.50
C ASP A 196 -38.56 25.68 -8.12
N PRO A 197 -39.24 26.10 -7.04
CA PRO A 197 -38.80 25.80 -5.66
C PRO A 197 -38.91 24.33 -5.29
N MET A 198 -39.51 23.53 -6.17
CA MET A 198 -39.62 22.11 -5.94
C MET A 198 -38.50 21.32 -6.67
N SER A 199 -37.64 22.06 -7.36
CA SER A 199 -36.46 21.47 -7.98
C SER A 199 -35.27 22.37 -7.68
N VAL A 200 -34.74 22.22 -6.48
CA VAL A 200 -33.59 23.00 -6.04
C VAL A 200 -32.36 22.12 -5.78
N THR A 201 -31.30 22.41 -6.53
CA THR A 201 -30.02 21.70 -6.39
C THR A 201 -28.96 22.58 -5.74
N LEU A 202 -28.48 22.22 -4.56
CA LEU A 202 -27.29 22.87 -3.98
C LEU A 202 -26.00 22.42 -4.63
N PHE A 203 -25.10 23.35 -4.93
CA PHE A 203 -23.75 22.93 -5.25
C PHE A 203 -22.69 23.89 -4.73
N GLY A 204 -21.53 23.33 -4.44
CA GLY A 204 -20.44 24.09 -3.86
C GLY A 204 -19.09 23.40 -3.94
N GLU A 205 -18.06 24.15 -3.58
CA GLU A 205 -16.70 23.67 -3.69
C GLU A 205 -15.94 23.90 -2.38
N ALA A 207 -14.94 24.27 1.25
CA ALA A 207 -15.78 24.55 2.44
C ALA A 207 -17.25 24.69 2.03
N GLY A 208 -17.47 25.12 0.78
CA GLY A 208 -18.81 25.16 0.22
C GLY A 208 -19.41 23.78 0.04
N ALA A 209 -18.65 22.85 -0.54
CA ALA A 209 -19.10 21.47 -0.67
C ALA A 209 -19.34 20.86 0.72
N ALA A 210 -18.43 21.15 1.65
CA ALA A 210 -18.65 20.81 3.04
C ALA A 210 -19.97 21.35 3.57
N SER A 211 -20.30 22.59 3.20
CA SER A 211 -21.56 23.20 3.65
C SER A 211 -22.74 22.46 3.05
N VAL A 212 -22.70 22.23 1.74
CA VAL A 212 -23.73 21.43 1.08
C VAL A 212 -23.91 20.10 1.79
N GLY A 213 -22.80 19.42 2.04
CA GLY A 213 -22.81 18.15 2.74
C GLY A 213 -23.47 18.26 4.10
N MET A 214 -23.20 19.34 4.82
CA MET A 214 -23.81 19.51 6.13
C MET A 214 -25.31 19.76 6.07
N HIS A 215 -25.80 20.37 4.99
CA HIS A 215 -27.24 20.59 4.88
C HIS A 215 -27.92 19.25 4.65
N ILE A 216 -27.24 18.36 3.92
CA ILE A 216 -27.71 16.99 3.78
C ILE A 216 -27.91 16.32 5.14
N LEU A 217 -27.02 16.62 6.09
CA LEU A 217 -27.00 15.92 7.38
C LEU A 217 -27.72 16.69 8.49
N SER A 218 -28.33 17.81 8.13
CA SER A 218 -29.09 18.57 9.11
C SER A 218 -30.56 18.64 8.67
N LEU A 219 -31.44 18.16 9.53
CA LEU A 219 -32.81 17.87 9.10
C LEU A 219 -33.62 19.12 8.78
N PRO A 220 -33.44 20.20 9.55
CA PRO A 220 -34.23 21.37 9.12
C PRO A 220 -33.90 21.83 7.69
N SER A 221 -32.71 21.52 7.18
CA SER A 221 -32.33 21.99 5.86
C SER A 221 -32.79 21.03 4.77
N ARG A 222 -33.14 19.82 5.16
CA ARG A 222 -33.45 18.78 4.18
C ARG A 222 -34.73 19.06 3.38
N SER A 223 -35.63 19.88 3.93
CA SER A 223 -36.83 20.25 3.20
C SER A 223 -36.62 21.44 2.26
N LEU A 224 -35.42 21.99 2.22
CA LEU A 224 -35.16 23.19 1.43
C LEU A 224 -34.46 22.90 0.10
N PHE A 225 -34.19 21.63 -0.18
CA PHE A 225 -33.54 21.27 -1.45
C PHE A 225 -33.80 19.82 -1.84
N HIS A 226 -33.38 19.43 -3.04
CA HIS A 226 -33.74 18.11 -3.57
C HIS A 226 -32.53 17.30 -4.05
N ARG A 227 -31.50 17.98 -4.53
CA ARG A 227 -30.31 17.31 -5.03
C ARG A 227 -29.06 18.09 -4.60
N ALA A 228 -27.91 17.43 -4.56
CA ALA A 228 -26.71 18.12 -4.10
C ALA A 228 -25.47 17.78 -4.93
N VAL A 229 -24.56 18.74 -5.02
CA VAL A 229 -23.29 18.55 -5.70
C VAL A 229 -22.17 19.00 -4.78
N LEU A 230 -21.24 18.09 -4.49
CA LEU A 230 -20.08 18.39 -3.64
C LEU A 230 -18.80 18.31 -4.43
N GLN A 231 -18.15 19.45 -4.64
CA GLN A 231 -16.89 19.51 -5.38
C GLN A 231 -15.68 19.73 -4.48
N SER A 232 -14.80 18.73 -4.38
CA SER A 232 -13.56 18.87 -3.61
C SER A 232 -13.80 19.24 -2.14
N GLY A 233 -14.81 18.66 -1.52
CA GLY A 233 -15.08 19.03 -0.15
C GLY A 233 -16.12 18.12 0.43
N THR A 234 -16.05 17.88 1.73
CA THR A 234 -16.98 17.00 2.43
C THR A 234 -17.28 17.49 3.85
N PRO A 235 -18.45 17.11 4.39
CA PRO A 235 -18.72 17.47 5.77
C PRO A 235 -17.85 16.63 6.71
N ASN A 236 -17.54 15.39 6.32
CA ASN A 236 -16.60 14.59 7.10
C ASN A 236 -15.17 15.00 6.79
N GLY A 237 -14.20 14.36 7.41
CA GLY A 237 -12.82 14.67 7.15
C GLY A 237 -12.18 15.46 8.27
N PRO A 238 -10.88 15.72 8.14
CA PRO A 238 -10.14 16.27 9.28
C PRO A 238 -10.38 17.76 9.53
N TRP A 239 -10.79 18.53 8.53
CA TRP A 239 -10.77 19.98 8.69
C TRP A 239 -12.13 20.68 8.80
N ALA A 240 -13.21 20.01 8.38
CA ALA A 240 -14.49 20.73 8.18
C ALA A 240 -15.34 20.93 9.44
N THR A 241 -15.02 20.22 10.53
CA THR A 241 -15.76 20.37 11.78
C THR A 241 -14.87 20.31 13.02
N VAL A 242 -15.40 20.73 14.15
CA VAL A 242 -14.72 20.60 15.43
C VAL A 242 -15.75 20.21 16.48
N SER A 243 -15.25 19.69 17.60
CA SER A 243 -16.08 19.32 18.72
C SER A 243 -16.48 20.56 19.53
N ALA A 244 -17.55 20.42 20.32
CA ALA A 244 -17.98 21.49 21.21
C ALA A 244 -16.82 21.89 22.12
N GLY A 245 -16.07 20.90 22.58
CA GLY A 245 -14.97 21.15 23.50
C GLY A 245 -13.88 21.98 22.84
N GLU A 246 -13.46 21.52 21.67
CA GLU A 246 -12.40 22.21 20.95
C GLU A 246 -12.82 23.63 20.55
N ALA A 247 -14.08 23.80 20.13
CA ALA A 247 -14.59 25.11 19.71
C ALA A 247 -14.62 26.05 20.90
N ARG A 248 -14.95 25.50 22.06
CA ARG A 248 -14.98 26.28 23.28
C ARG A 248 -13.56 26.74 23.62
N ARG A 249 -12.61 25.83 23.46
CA ARG A 249 -11.20 26.09 23.73
C ARG A 249 -10.73 27.28 22.88
N ARG A 250 -11.03 27.21 21.60
CA ARG A 250 -10.52 28.18 20.63
C ARG A 250 -11.14 29.58 20.76
N ALA A 251 -12.43 29.65 21.08
CA ALA A 251 -13.09 30.94 21.32
C ALA A 251 -12.49 31.65 22.55
N THR A 252 -12.30 30.90 23.62
CA THR A 252 -11.72 31.40 24.87
C THR A 252 -10.33 31.99 24.66
N LEU A 253 -9.52 31.25 23.92
CA LEU A 253 -8.16 31.67 23.64
C LEU A 253 -8.15 32.92 22.78
N LEU A 254 -9.03 32.98 21.79
CA LEU A 254 -9.12 34.17 20.95
C LEU A 254 -9.57 35.35 21.79
N ALA A 255 -10.47 35.10 22.75
CA ALA A 255 -10.92 36.15 23.65
C ALA A 255 -9.74 36.69 24.46
N ARG A 256 -8.91 35.80 25.02
CA ARG A 256 -7.75 36.27 25.79
C ARG A 256 -6.83 37.12 24.93
N LEU A 257 -6.63 36.66 23.70
CA LEU A 257 -5.71 37.30 22.76
C LEU A 257 -6.11 38.74 22.42
N VAL A 258 -7.40 39.05 22.39
CA VAL A 258 -7.82 40.41 22.01
C VAL A 258 -8.15 41.22 23.25
N GLY A 259 -7.84 40.63 24.41
CA GLY A 259 -7.98 41.32 25.68
C GLY A 259 -9.28 41.10 26.44
N CYS A 260 -10.00 40.04 26.13
CA CYS A 260 -11.30 39.82 26.76
C CYS A 260 -11.27 38.76 27.84
N PRO A 261 -11.32 39.20 29.11
CA PRO A 261 -11.29 38.35 30.31
C PRO A 261 -12.29 37.18 30.26
N ASN A 268 -17.90 33.31 33.00
CA ASN A 268 -19.25 33.55 32.47
C ASN A 268 -19.26 33.83 30.96
N ASP A 269 -19.99 33.00 30.20
CA ASP A 269 -20.03 33.11 28.74
C ASP A 269 -20.58 34.43 28.23
N THR A 270 -21.59 34.98 28.92
CA THR A 270 -22.23 36.22 28.49
C THR A 270 -21.26 37.39 28.53
N GLU A 271 -20.44 37.45 29.58
CA GLU A 271 -19.51 38.57 29.76
C GLU A 271 -18.41 38.54 28.69
N LEU A 272 -17.98 37.33 28.38
CA LEU A 272 -16.96 37.09 27.38
C LEU A 272 -17.42 37.52 25.97
N ILE A 273 -18.62 37.07 25.58
CA ILE A 273 -19.14 37.36 24.25
C ILE A 273 -19.50 38.81 24.13
N ALA A 274 -19.98 39.39 25.22
CA ALA A 274 -20.29 40.82 25.21
C ALA A 274 -19.00 41.60 24.95
N CYS A 275 -17.90 41.15 25.53
CA CYS A 275 -16.63 41.82 25.30
C CYS A 275 -16.20 41.68 23.84
N LEU A 276 -16.20 40.46 23.32
CA LEU A 276 -15.85 40.20 21.93
C LEU A 276 -16.64 41.12 21.00
N ARG A 277 -17.93 41.28 21.28
CA ARG A 277 -18.79 42.10 20.43
C ARG A 277 -18.34 43.56 20.38
N THR A 278 -17.50 43.99 21.32
CA THR A 278 -17.00 45.36 21.31
C THR A 278 -15.70 45.53 20.53
N ARG A 279 -14.98 44.44 20.28
CA ARG A 279 -13.72 44.54 19.55
C ARG A 279 -14.01 44.87 18.10
N PRO A 280 -13.20 45.74 17.47
CA PRO A 280 -13.35 46.03 16.04
C PRO A 280 -13.18 44.77 15.18
N ALA A 281 -13.89 44.71 14.06
CA ALA A 281 -13.85 43.54 13.18
C ALA A 281 -12.42 43.10 12.82
N GLN A 282 -11.53 44.06 12.63
CA GLN A 282 -10.20 43.74 12.13
C GLN A 282 -9.34 43.13 13.23
N ASP A 283 -9.61 43.46 14.49
CA ASP A 283 -8.88 42.82 15.57
C ASP A 283 -9.21 41.35 15.65
N LEU A 284 -10.45 40.98 15.35
CA LEU A 284 -10.81 39.57 15.35
C LEU A 284 -10.07 38.88 14.20
N VAL A 285 -10.14 39.47 13.01
CA VAL A 285 -9.46 38.91 11.85
C VAL A 285 -7.95 38.80 12.11
N ASP A 286 -7.36 39.85 12.66
CA ASP A 286 -5.93 39.86 12.98
C ASP A 286 -5.48 38.76 13.94
N HIS A 287 -6.37 38.24 14.79
CA HIS A 287 -5.95 37.22 15.76
C HIS A 287 -6.57 35.84 15.55
N GLU A 288 -7.43 35.69 14.57
CA GLU A 288 -8.22 34.46 14.47
C GLU A 288 -7.32 33.28 14.16
N TRP A 289 -6.21 33.57 13.50
CA TRP A 289 -5.28 32.54 13.04
C TRP A 289 -4.36 32.09 14.18
N HIS A 290 -4.05 33.04 15.06
CA HIS A 290 -3.12 32.85 16.18
C HIS A 290 -3.61 31.96 17.31
N VAL A 291 -4.64 31.15 17.11
CA VAL A 291 -5.16 30.37 18.22
C VAL A 291 -4.88 28.88 18.01
N LEU A 292 -4.09 28.57 17.00
CA LEU A 292 -3.62 27.21 16.79
C LEU A 292 -2.11 27.16 16.92
N PRO A 293 -1.59 25.98 17.30
CA PRO A 293 -0.16 25.74 17.06
C PRO A 293 0.12 26.03 15.60
N GLN A 294 0.95 27.03 15.27
CA GLN A 294 1.09 27.39 13.86
C GLN A 294 1.99 26.40 13.10
N GLU A 295 1.87 25.12 13.48
CA GLU A 295 2.18 23.99 12.62
C GLU A 295 0.88 23.43 12.04
N SER A 296 -0.23 23.73 12.74
CA SER A 296 -1.56 23.46 12.23
C SER A 296 -1.92 24.48 11.17
N ILE A 297 -0.96 24.76 10.30
CA ILE A 297 -1.13 25.71 9.23
C ILE A 297 -2.18 25.17 8.24
N PHE A 298 -2.47 23.87 8.32
CA PHE A 298 -3.49 23.29 7.45
C PHE A 298 -4.85 23.03 8.14
N ARG A 299 -5.13 23.75 9.22
CA ARG A 299 -6.45 23.74 9.85
C ARG A 299 -6.94 25.19 10.01
N PHE A 300 -8.22 25.51 9.77
CA PHE A 300 -8.68 26.82 10.22
C PHE A 300 -9.40 26.68 11.57
N SER A 301 -9.39 27.75 12.33
CA SER A 301 -9.79 27.72 13.73
C SER A 301 -11.30 27.73 13.94
N PHE A 302 -12.03 28.41 13.07
CA PHE A 302 -13.46 28.61 13.26
C PHE A 302 -14.26 28.02 12.09
N VAL A 303 -14.69 26.79 12.33
CA VAL A 303 -15.39 25.98 11.36
C VAL A 303 -16.65 25.46 12.04
N PRO A 304 -17.63 24.91 11.26
CA PRO A 304 -18.83 24.31 11.86
C PRO A 304 -18.52 23.47 13.10
N VAL A 305 -19.35 23.59 14.12
CA VAL A 305 -19.10 22.85 15.34
C VAL A 305 -20.15 21.77 15.50
N VAL A 306 -19.73 20.61 16.01
CA VAL A 306 -20.68 19.55 16.31
C VAL A 306 -21.41 19.91 17.59
N ASP A 307 -22.56 20.55 17.43
CA ASP A 307 -23.24 21.21 18.56
C ASP A 307 -24.40 20.40 19.13
N GLY A 308 -24.67 19.23 18.56
CA GLY A 308 -25.87 18.47 18.89
C GLY A 308 -27.17 19.12 18.41
N ASP A 309 -27.07 20.24 17.71
CA ASP A 309 -28.26 20.94 17.23
C ASP A 309 -28.30 20.92 15.70
N PHE A 310 -27.55 21.81 15.06
CA PHE A 310 -27.43 21.78 13.61
C PHE A 310 -26.81 20.44 13.19
N LEU A 311 -25.65 20.13 13.76
CA LEU A 311 -25.09 18.79 13.56
C LEU A 311 -25.43 18.00 14.79
N SER A 312 -26.37 17.07 14.65
CA SER A 312 -26.89 16.31 15.77
C SER A 312 -25.81 15.37 16.34
N ASP A 313 -24.84 15.02 15.50
CA ASP A 313 -23.73 14.16 15.89
C ASP A 313 -22.59 14.43 14.89
N THR A 314 -21.45 13.75 14.96
CA THR A 314 -20.39 14.03 13.98
C THR A 314 -20.83 13.66 12.58
N PRO A 315 -20.28 14.36 11.58
CA PRO A 315 -20.64 13.99 10.21
C PRO A 315 -20.28 12.55 9.90
N GLU A 316 -19.17 12.03 10.43
CA GLU A 316 -18.79 10.64 10.15
C GLU A 316 -19.84 9.70 10.77
N ALA A 317 -20.34 10.01 11.96
CA ALA A 317 -21.39 9.21 12.55
C ALA A 317 -22.68 9.29 11.70
N LEU A 318 -23.06 10.49 11.27
CA LEU A 318 -24.32 10.64 10.54
C LEU A 318 -24.26 10.02 9.13
N ILE A 319 -23.08 10.00 8.52
CA ILE A 319 -22.99 9.37 7.20
C ILE A 319 -22.68 7.87 7.30
N ASN A 320 -22.44 7.37 8.51
CA ASN A 320 -22.28 5.93 8.72
C ASN A 320 -23.63 5.27 9.04
N THR A 321 -24.57 6.04 9.57
CA THR A 321 -25.85 5.47 10.03
C THR A 321 -27.08 6.04 9.33
N GLY A 322 -26.87 6.86 8.30
CA GLY A 322 -27.98 7.56 7.68
C GLY A 322 -28.71 6.84 6.56
N ASP A 323 -29.99 7.17 6.40
CA ASP A 323 -30.85 6.66 5.33
C ASP A 323 -30.88 7.65 4.16
N PHE A 324 -30.35 7.23 3.01
CA PHE A 324 -30.17 8.19 1.92
C PHE A 324 -30.88 7.81 0.62
N GLN A 325 -31.89 6.95 0.68
CA GLN A 325 -32.64 6.56 -0.52
C GLN A 325 -33.19 7.77 -1.29
N ASP A 326 -33.68 8.75 -0.53
CA ASP A 326 -34.04 10.06 -1.07
C ASP A 326 -33.07 10.58 -2.13
N LEU A 327 -31.78 10.51 -1.81
CA LEU A 327 -30.80 11.45 -2.32
C LEU A 327 -30.19 11.10 -3.67
N GLN A 328 -30.03 12.12 -4.51
CA GLN A 328 -29.08 12.01 -5.62
C GLN A 328 -27.99 13.03 -5.43
N VAL A 329 -26.76 12.60 -5.64
CA VAL A 329 -25.58 13.43 -5.39
C VAL A 329 -24.55 13.29 -6.47
N LEU A 330 -23.93 14.40 -6.84
CA LEU A 330 -22.83 14.38 -7.77
C LEU A 330 -21.63 14.85 -6.94
N VAL A 331 -20.60 14.01 -6.82
CA VAL A 331 -19.38 14.36 -6.06
C VAL A 331 -18.13 14.14 -6.90
N GLY A 332 -17.03 14.79 -6.54
CA GLY A 332 -15.80 14.59 -7.28
C GLY A 332 -14.63 15.41 -6.80
N VAL A 333 -13.48 15.23 -7.45
CA VAL A 333 -12.25 15.91 -7.08
C VAL A 333 -11.46 16.36 -8.32
N VAL A 334 -10.55 17.32 -8.16
CA VAL A 334 -9.57 17.61 -9.20
C VAL A 334 -8.36 16.65 -9.01
N LYS A 335 -7.45 16.64 -9.99
CA LYS A 335 -6.38 15.64 -10.05
C LYS A 335 -5.32 15.81 -8.95
N ASP A 336 -4.94 17.07 -8.73
CA ASP A 336 -3.93 17.45 -7.75
C ASP A 336 -4.50 18.33 -6.64
N GLU A 337 -5.34 17.76 -5.79
CA GLU A 337 -5.97 18.53 -4.72
C GLU A 337 -4.96 19.21 -3.80
N GLY A 338 -3.82 18.57 -3.55
CA GLY A 338 -2.91 19.03 -2.52
C GLY A 338 -1.86 20.07 -2.91
N SER A 339 -1.50 20.16 -4.17
CA SER A 339 -0.45 21.06 -4.56
C SER A 339 -0.56 22.48 -4.10
N TYR A 340 -1.72 23.07 -4.29
CA TYR A 340 -1.96 24.44 -3.90
C TYR A 340 -1.42 24.78 -2.52
N PHE A 341 -1.90 24.09 -1.51
CA PHE A 341 -1.50 24.37 -0.14
C PHE A 341 -0.04 24.28 0.28
N LEU A 342 0.76 23.49 -0.43
CA LEU A 342 2.16 23.25 -0.10
C LEU A 342 3.00 24.52 -0.04
N VAL A 343 2.71 25.47 -0.90
CA VAL A 343 3.43 26.73 -0.90
C VAL A 343 3.10 27.67 0.26
N TYR A 344 2.18 27.23 1.09
CA TYR A 344 1.77 28.01 2.20
C TYR A 344 2.18 27.37 3.50
N GLY A 345 2.40 26.07 3.49
CA GLY A 345 2.75 25.39 4.73
C GLY A 345 3.99 24.54 4.85
N VAL A 346 4.49 24.00 3.76
CA VAL A 346 5.65 23.16 3.84
C VAL A 346 6.93 23.82 3.41
N PRO A 347 7.92 23.82 4.28
CA PRO A 347 9.23 24.43 3.99
C PRO A 347 9.89 23.72 2.82
N GLY A 348 10.49 24.47 1.91
CA GLY A 348 11.00 23.91 0.67
C GLY A 348 10.07 24.11 -0.52
N PHE A 349 8.90 24.71 -0.31
CA PHE A 349 7.92 24.83 -1.40
C PHE A 349 7.67 26.27 -1.85
N SER A 350 7.61 26.47 -3.17
CA SER A 350 7.37 27.80 -3.75
C SER A 350 6.59 27.73 -5.07
N LYS A 351 5.91 28.82 -5.43
CA LYS A 351 5.23 28.90 -6.72
C LYS A 351 6.24 29.26 -7.81
N ASP A 352 7.42 29.71 -7.36
CA ASP A 352 8.41 30.37 -8.23
C ASP A 352 9.58 29.50 -8.65
N ASN A 353 9.86 28.44 -7.89
CA ASN A 353 10.83 27.44 -8.32
C ASN A 353 10.10 26.12 -8.50
N GLU A 354 10.84 25.04 -8.77
CA GLU A 354 10.22 23.75 -9.04
C GLU A 354 9.87 22.94 -7.78
N SER A 355 10.21 23.50 -6.62
CA SER A 355 9.90 22.89 -5.33
C SER A 355 10.37 21.44 -5.18
N LEU A 356 11.51 21.10 -5.78
CA LEU A 356 12.10 19.78 -5.53
C LEU A 356 12.54 19.67 -4.08
N ILE A 357 12.02 18.73 -3.32
CA ILE A 357 12.33 18.68 -1.90
C ILE A 357 13.19 17.49 -1.50
N SER A 358 13.75 17.57 -0.29
CA SER A 358 14.59 16.49 0.25
C SER A 358 13.71 15.49 0.97
N ARG A 359 14.28 14.37 1.35
CA ARG A 359 13.50 13.38 2.08
C ARG A 359 13.19 13.86 3.50
N ALA A 360 14.08 14.65 4.10
CA ALA A 360 13.83 15.15 5.44
C ALA A 360 12.69 16.15 5.38
N GLN A 361 12.69 16.95 4.31
CA GLN A 361 11.61 17.91 4.03
C GLN A 361 10.27 17.23 3.82
N PHE A 362 10.33 16.03 3.23
CA PHE A 362 9.15 15.19 3.10
C PHE A 362 8.67 14.73 4.48
N LEU A 363 9.56 14.15 5.31
CA LEU A 363 9.14 13.70 6.64
C LEU A 363 8.54 14.87 7.43
N ALA A 364 9.16 16.04 7.33
CA ALA A 364 8.68 17.23 8.01
C ALA A 364 7.33 17.67 7.48
N GLY A 365 7.14 17.53 6.17
CA GLY A 365 5.91 17.93 5.53
C GLY A 365 4.73 17.04 5.89
N VAL A 366 5.03 15.78 6.20
CA VAL A 366 3.99 14.84 6.60
C VAL A 366 3.53 15.16 8.01
N ARG A 367 4.41 15.71 8.84
CA ARG A 367 4.00 16.09 10.20
C ARG A 367 3.06 17.28 10.16
N ILE A 368 3.32 18.19 9.23
CA ILE A 368 2.51 19.40 9.03
C ILE A 368 1.19 19.06 8.30
N GLY A 369 1.25 18.07 7.42
CA GLY A 369 0.09 17.63 6.67
C GLY A 369 -0.91 16.84 7.49
N VAL A 370 -0.39 15.98 8.35
CA VAL A 370 -1.20 15.23 9.30
C VAL A 370 -0.85 15.68 10.73
N PRO A 371 -1.33 16.85 11.15
CA PRO A 371 -0.90 17.42 12.44
C PRO A 371 -1.45 16.63 13.64
N GLN A 372 -2.47 15.82 13.38
CA GLN A 372 -3.15 15.03 14.40
C GLN A 372 -2.37 13.75 14.70
N ALA A 373 -1.40 13.44 13.83
CA ALA A 373 -0.72 12.16 13.83
C ALA A 373 0.27 12.00 14.96
N SER A 374 0.38 10.76 15.44
CA SER A 374 1.43 10.32 16.35
C SER A 374 2.72 10.11 15.57
N ASP A 375 3.76 9.65 16.27
CA ASP A 375 5.02 9.37 15.60
C ASP A 375 4.88 8.16 14.71
N LEU A 376 4.10 7.17 15.17
CA LEU A 376 3.93 5.93 14.43
C LEU A 376 3.12 6.14 13.16
N ALA A 377 2.01 6.87 13.29
CA ALA A 377 1.12 7.14 12.17
C ALA A 377 1.83 7.91 11.07
N ALA A 378 2.61 8.90 11.46
CA ALA A 378 3.37 9.68 10.50
C ALA A 378 4.29 8.78 9.68
N GLU A 379 4.97 7.85 10.35
CA GLU A 379 5.94 7.00 9.67
C GLU A 379 5.20 6.04 8.74
N ALA A 380 4.04 5.56 9.18
CA ALA A 380 3.16 4.80 8.32
C ALA A 380 2.75 5.57 7.04
N VAL A 381 2.41 6.85 7.16
CA VAL A 381 2.11 7.65 5.98
C VAL A 381 3.35 7.77 5.12
N VAL A 382 4.45 8.19 5.73
CA VAL A 382 5.76 8.25 5.06
C VAL A 382 6.14 6.97 4.31
N LEU A 383 5.91 5.82 4.93
CA LEU A 383 6.31 4.58 4.28
C LEU A 383 5.40 4.30 3.10
N HIS A 384 4.09 4.52 3.27
CA HIS A 384 3.13 4.28 2.21
C HIS A 384 3.35 5.15 0.97
N TYR A 385 3.82 6.39 1.16
CA TYR A 385 3.95 7.28 0.02
C TYR A 385 5.38 7.36 -0.54
N THR A 386 6.29 6.56 0.02
CA THR A 386 7.66 6.50 -0.49
C THR A 386 7.73 5.64 -1.76
N ASP A 387 8.55 6.06 -2.72
CA ASP A 387 8.92 5.19 -3.84
C ASP A 387 10.25 4.46 -3.56
N TRP A 388 10.20 3.18 -3.22
CA TRP A 388 11.42 2.53 -2.72
C TRP A 388 12.46 2.27 -3.81
N LEU A 389 12.09 2.44 -5.07
CA LEU A 389 13.04 2.37 -6.18
C LEU A 389 13.87 3.62 -6.31
N HIS A 390 13.31 4.73 -5.81
CA HIS A 390 13.97 6.04 -5.80
C HIS A 390 13.50 6.84 -4.58
N PRO A 391 13.84 6.37 -3.36
CA PRO A 391 13.26 6.99 -2.16
C PRO A 391 13.94 8.30 -1.83
N GLU A 392 14.83 8.74 -2.71
CA GLU A 392 15.54 10.02 -2.59
C GLU A 392 15.23 10.94 -3.75
N ASP A 393 14.42 10.49 -4.70
CA ASP A 393 14.17 11.33 -5.86
C ASP A 393 13.28 12.53 -5.44
N PRO A 394 13.80 13.75 -5.61
CA PRO A 394 13.16 14.99 -5.16
C PRO A 394 11.85 15.28 -5.90
N THR A 395 11.76 14.89 -7.16
CA THR A 395 10.51 15.09 -7.87
C THR A 395 9.45 14.11 -7.34
N HIS A 396 9.78 12.83 -7.16
CA HIS A 396 8.81 11.91 -6.58
C HIS A 396 8.42 12.35 -5.17
N LEU A 397 9.29 13.08 -4.47
CA LEU A 397 8.98 13.45 -3.10
C LEU A 397 8.11 14.72 -3.07
N ARG A 398 8.38 15.65 -3.96
CA ARG A 398 7.51 16.80 -4.13
C ARG A 398 6.10 16.32 -4.40
N ASP A 399 5.96 15.46 -5.40
CA ASP A 399 4.64 15.02 -5.82
C ASP A 399 3.95 14.20 -4.73
N ALA A 400 4.71 13.37 -4.02
CA ALA A 400 4.13 12.57 -2.95
C ALA A 400 3.59 13.46 -1.84
N MET A 401 4.29 14.55 -1.56
CA MET A 401 3.87 15.49 -0.52
C MET A 401 2.53 16.08 -0.89
N SER A 402 2.41 16.44 -2.17
CA SER A 402 1.17 16.95 -2.72
C SER A 402 0.04 15.97 -2.47
N ALA A 403 0.28 14.70 -2.78
CA ALA A 403 -0.80 13.73 -2.71
C ALA A 403 -1.13 13.34 -1.27
N VAL A 404 -0.22 13.55 -0.32
CA VAL A 404 -0.49 13.20 1.08
C VAL A 404 -1.50 14.21 1.59
N VAL A 405 -1.22 15.48 1.30
CA VAL A 405 -2.13 16.53 1.72
C VAL A 405 -3.47 16.42 1.00
N GLY A 406 -3.46 16.16 -0.31
CA GLY A 406 -4.67 16.06 -1.10
C GLY A 406 -5.53 14.86 -0.73
N ASP A 407 -4.90 13.70 -0.53
CA ASP A 407 -5.63 12.47 -0.20
C ASP A 407 -6.24 12.52 1.21
N HIS A 408 -5.46 12.97 2.19
CA HIS A 408 -5.93 12.99 3.56
C HIS A 408 -7.08 13.98 3.73
N ASN A 409 -7.03 15.11 3.03
CA ASN A 409 -7.99 16.18 3.30
C ASN A 409 -9.15 16.29 2.33
N VAL A 410 -9.03 15.75 1.13
CA VAL A 410 -10.12 15.86 0.15
C VAL A 410 -10.46 14.52 -0.52
N VAL A 411 -9.53 13.93 -1.27
CA VAL A 411 -9.88 12.76 -2.08
C VAL A 411 -10.41 11.57 -1.26
N CYS A 412 -9.84 11.32 -0.09
CA CYS A 412 -10.32 10.17 0.67
C CYS A 412 -11.54 10.48 1.51
N PRO A 413 -11.65 11.73 2.02
CA PRO A 413 -12.99 12.08 2.53
C PRO A 413 -14.08 11.96 1.47
N VAL A 414 -13.81 12.37 0.24
CA VAL A 414 -14.85 12.28 -0.79
C VAL A 414 -15.16 10.80 -1.00
N ALA A 415 -14.14 10.00 -1.34
CA ALA A 415 -14.27 8.54 -1.43
C ALA A 415 -15.07 7.90 -0.29
N GLN A 416 -14.76 8.26 0.95
CA GLN A 416 -15.57 7.76 2.04
C GLN A 416 -17.04 8.16 1.94
N LEU A 417 -17.31 9.41 1.59
CA LEU A 417 -18.68 9.87 1.54
C LEU A 417 -19.42 9.16 0.39
N ALA A 418 -18.74 9.06 -0.76
CA ALA A 418 -19.32 8.43 -1.94
C ALA A 418 -19.76 7.02 -1.60
N GLY A 419 -18.81 6.27 -1.05
CA GLY A 419 -19.05 4.90 -0.66
C GLY A 419 -20.12 4.72 0.39
N ARG A 420 -20.15 5.56 1.41
CA ARG A 420 -21.17 5.42 2.44
C ARG A 420 -22.56 5.78 1.89
N LEU A 421 -22.67 6.88 1.14
CA LEU A 421 -23.97 7.30 0.61
C LEU A 421 -24.54 6.23 -0.31
N ALA A 422 -23.69 5.60 -1.13
CA ALA A 422 -24.13 4.55 -2.03
C ALA A 422 -24.59 3.28 -1.28
N ALA A 423 -23.88 2.92 -0.22
CA ALA A 423 -24.27 1.75 0.55
C ALA A 423 -25.58 2.00 1.30
N GLN A 424 -25.87 3.26 1.56
CA GLN A 424 -27.05 3.55 2.35
C GLN A 424 -28.18 4.19 1.52
N GLY A 425 -28.19 3.85 0.23
CA GLY A 425 -29.36 4.10 -0.61
C GLY A 425 -29.31 5.20 -1.65
N ALA A 426 -28.37 6.13 -1.49
CA ALA A 426 -28.29 7.29 -2.37
C ALA A 426 -27.81 6.96 -3.78
N ARG A 427 -28.24 7.74 -4.75
CA ARG A 427 -27.72 7.68 -6.09
C ARG A 427 -26.53 8.62 -6.16
N VAL A 428 -25.36 8.08 -6.49
CA VAL A 428 -24.11 8.84 -6.46
C VAL A 428 -23.44 8.83 -7.83
N TYR A 429 -22.93 10.00 -8.23
CA TYR A 429 -22.16 10.13 -9.46
C TYR A 429 -20.81 10.73 -9.12
N ALA A 430 -19.74 10.04 -9.50
CA ALA A 430 -18.41 10.45 -9.09
C ALA A 430 -17.57 10.85 -10.31
N TYR A 431 -16.70 11.85 -10.15
CA TYR A 431 -15.84 12.30 -11.26
C TYR A 431 -14.44 12.63 -10.76
N ILE A 432 -13.46 12.55 -11.65
CA ILE A 432 -12.20 13.24 -11.38
C ILE A 432 -11.93 14.20 -12.52
N PHE A 433 -11.57 15.42 -12.16
CA PHE A 433 -11.42 16.51 -13.10
C PHE A 433 -9.95 16.64 -13.43
N GLU A 434 -9.60 16.42 -14.69
CA GLU A 434 -8.19 16.25 -15.06
C GLU A 434 -7.67 17.24 -16.09
N HIS A 435 -8.40 18.33 -16.33
CA HIS A 435 -7.94 19.31 -17.30
C HIS A 435 -7.33 20.55 -16.63
N ARG A 436 -6.08 20.83 -16.96
CA ARG A 436 -5.46 22.06 -16.46
C ARG A 436 -5.84 23.26 -17.35
N ALA A 437 -6.39 24.31 -16.76
CA ALA A 437 -6.80 25.47 -17.54
C ALA A 437 -5.61 26.08 -18.27
N SER A 438 -5.81 26.38 -19.56
CA SER A 438 -4.77 26.94 -20.40
C SER A 438 -4.31 28.30 -19.88
N THR A 439 -5.11 28.95 -19.07
CA THR A 439 -4.80 30.31 -18.62
C THR A 439 -4.24 30.33 -17.21
N LEU A 440 -3.92 29.16 -16.69
CA LEU A 440 -3.56 29.04 -15.29
C LEU A 440 -2.18 29.63 -15.05
N THR A 441 -2.07 30.43 -13.99
CA THR A 441 -0.82 31.13 -13.71
C THR A 441 -0.03 30.54 -12.52
N TRP A 442 -0.52 29.42 -11.97
CA TRP A 442 0.29 28.65 -11.04
C TRP A 442 1.28 27.87 -11.89
N PRO A 443 2.45 27.50 -11.32
CA PRO A 443 3.47 26.78 -12.07
C PRO A 443 2.97 25.44 -12.58
N LEU A 444 3.61 24.90 -13.60
CA LEU A 444 3.18 23.61 -14.15
C LEU A 444 3.14 22.46 -13.14
N TRP A 445 4.06 22.45 -12.16
CA TRP A 445 4.24 21.27 -11.33
C TRP A 445 3.00 21.00 -10.48
N MET A 446 2.13 22.01 -10.37
CA MET A 446 0.95 21.89 -9.55
C MET A 446 -0.22 21.17 -10.24
N GLY A 447 -0.04 20.85 -11.53
CA GLY A 447 -1.03 20.09 -12.28
C GLY A 447 -2.38 20.79 -12.35
N VAL A 448 -3.44 20.07 -11.99
CA VAL A 448 -4.79 20.66 -11.92
C VAL A 448 -5.14 20.95 -10.47
N PRO A 449 -4.84 22.16 -10.00
CA PRO A 449 -4.93 22.47 -8.57
C PRO A 449 -6.35 22.56 -8.08
N HIS A 450 -6.50 22.35 -6.78
CA HIS A 450 -7.70 22.65 -6.02
C HIS A 450 -8.36 23.99 -6.45
N GLY A 451 -9.65 23.91 -6.80
CA GLY A 451 -10.39 25.09 -7.17
C GLY A 451 -10.52 25.39 -8.66
N TYR A 452 -9.68 24.80 -9.50
CA TYR A 452 -9.63 25.26 -10.90
C TYR A 452 -10.43 24.40 -11.86
N GLU A 453 -11.47 23.77 -11.33
CA GLU A 453 -12.54 23.21 -12.16
C GLU A 453 -13.76 24.12 -12.13
N ILE A 454 -13.80 25.02 -11.15
CA ILE A 454 -14.96 25.85 -10.90
C ILE A 454 -15.28 26.74 -12.11
N GLU A 455 -14.24 27.36 -12.69
CA GLU A 455 -14.45 28.24 -13.83
C GLU A 455 -14.98 27.48 -15.05
N PHE A 456 -14.78 26.16 -15.09
CA PHE A 456 -15.28 25.41 -16.23
C PHE A 456 -16.74 25.02 -16.06
N ILE A 457 -17.13 24.66 -14.83
CA ILE A 457 -18.54 24.43 -14.50
C ILE A 457 -19.40 25.68 -14.74
N PHE A 458 -18.85 26.87 -14.44
CA PHE A 458 -19.61 28.11 -14.51
C PHE A 458 -19.63 28.72 -15.91
N GLY A 459 -18.77 28.23 -16.81
CA GLY A 459 -18.85 28.59 -18.21
C GLY A 459 -17.96 29.71 -18.71
N LEU A 460 -17.14 30.24 -17.80
CA LEU A 460 -16.21 31.34 -18.14
C LEU A 460 -15.43 31.22 -19.46
N PRO A 461 -15.07 30.00 -19.89
CA PRO A 461 -14.45 29.92 -21.22
C PRO A 461 -15.31 30.45 -22.38
N LEU A 462 -16.63 30.54 -22.22
CA LEU A 462 -17.50 31.06 -23.29
C LEU A 462 -17.28 32.56 -23.51
N ASP A 463 -16.75 33.23 -22.50
CA ASP A 463 -16.38 34.63 -22.63
C ASP A 463 -15.12 34.68 -23.47
N PRO A 464 -15.23 35.15 -24.73
CA PRO A 464 -14.08 35.18 -25.64
C PRO A 464 -12.98 36.12 -25.15
N SER A 465 -13.40 37.15 -24.41
CA SER A 465 -12.49 38.08 -23.77
C SER A 465 -11.45 37.44 -22.84
N LEU A 466 -11.62 36.17 -22.48
CA LEU A 466 -10.82 35.57 -21.41
C LEU A 466 -9.68 34.66 -21.90
N ASN A 467 -9.56 34.50 -23.22
CA ASN A 467 -8.42 33.84 -23.84
C ASN A 467 -8.29 32.37 -23.52
N TYR A 468 -9.40 31.66 -23.38
CA TYR A 468 -9.36 30.21 -23.28
C TYR A 468 -9.20 29.65 -24.69
N THR A 469 -9.01 28.34 -24.81
CA THR A 469 -8.85 27.75 -26.13
C THR A 469 -10.23 27.45 -26.66
N THR A 470 -10.33 27.02 -27.90
CA THR A 470 -11.64 26.67 -28.44
C THR A 470 -12.08 25.29 -27.93
N GLU A 471 -11.13 24.41 -27.62
CA GLU A 471 -11.50 23.11 -27.03
C GLU A 471 -12.02 23.30 -25.60
N GLU A 472 -11.57 24.37 -24.96
CA GLU A 472 -11.97 24.66 -23.59
C GLU A 472 -13.38 25.25 -23.54
N ARG A 473 -13.77 25.92 -24.63
CA ARG A 473 -15.14 26.40 -24.81
C ARG A 473 -16.08 25.22 -24.93
N ILE A 474 -15.72 24.27 -25.79
CA ILE A 474 -16.50 23.06 -25.97
C ILE A 474 -16.61 22.29 -24.66
N PHE A 475 -15.48 22.16 -23.97
CA PHE A 475 -15.39 21.42 -22.71
C PHE A 475 -16.32 22.03 -21.66
N ALA A 476 -16.25 23.35 -21.49
CA ALA A 476 -17.11 24.01 -20.51
C ALA A 476 -18.59 23.78 -20.81
N GLN A 477 -18.94 23.73 -22.09
CA GLN A 477 -20.34 23.47 -22.47
C GLN A 477 -20.76 22.04 -22.10
N ARG A 478 -19.83 21.10 -22.17
CA ARG A 478 -20.15 19.73 -21.78
C ARG A 478 -20.42 19.65 -20.28
N LEU A 479 -19.70 20.47 -19.51
CA LEU A 479 -19.75 20.35 -18.07
C LEU A 479 -21.00 21.03 -17.56
N MET A 480 -21.26 22.22 -18.10
CA MET A 480 -22.51 22.92 -17.87
C MET A 480 -23.71 22.01 -18.14
N LYS A 481 -23.68 21.27 -19.25
CA LYS A 481 -24.76 20.31 -19.50
C LYS A 481 -24.83 19.20 -18.46
N TYR A 482 -23.68 18.61 -18.07
CA TYR A 482 -23.66 17.61 -17.00
C TYR A 482 -24.31 18.14 -15.71
N TRP A 483 -23.91 19.34 -15.30
CA TRP A 483 -24.37 19.89 -14.03
C TRP A 483 -25.86 20.22 -14.06
N THR A 484 -26.30 20.96 -15.09
CA THR A 484 -27.71 21.34 -15.20
C THR A 484 -28.62 20.13 -15.48
N ASN A 485 -28.14 19.17 -16.26
CA ASN A 485 -28.86 17.91 -16.43
C ASN A 485 -29.07 17.23 -15.09
N PHE A 486 -28.01 17.16 -14.29
CA PHE A 486 -28.14 16.57 -12.96
C PHE A 486 -29.16 17.34 -12.11
N ALA A 487 -29.11 18.66 -12.18
CA ALA A 487 -30.00 19.51 -11.39
C ALA A 487 -31.45 19.33 -11.82
N ARG A 488 -31.66 19.05 -13.11
CA ARG A 488 -32.99 18.91 -13.68
C ARG A 488 -33.59 17.54 -13.35
N THR A 489 -32.75 16.51 -13.43
CA THR A 489 -33.20 15.13 -13.45
C THR A 489 -32.51 14.19 -12.45
N GLY A 490 -31.39 14.63 -11.86
CA GLY A 490 -30.65 13.74 -10.97
C GLY A 490 -29.83 12.73 -11.73
N ASP A 491 -29.64 12.99 -13.02
CA ASP A 491 -28.85 12.16 -13.90
C ASP A 491 -28.11 13.12 -14.81
N PRO A 492 -26.77 13.12 -14.74
CA PRO A 492 -25.97 14.04 -15.57
C PRO A 492 -26.03 13.73 -17.06
N ASN A 493 -26.54 12.57 -17.45
CA ASN A 493 -26.57 12.17 -18.87
C ASN A 493 -27.68 12.86 -19.65
N ASP A 494 -27.44 13.09 -20.93
CA ASP A 494 -28.49 13.60 -21.81
C ASP A 494 -29.22 12.42 -22.45
N PRO A 495 -30.54 12.29 -22.20
CA PRO A 495 -31.30 11.13 -22.70
C PRO A 495 -31.47 11.16 -24.22
N ARG A 496 -31.51 12.36 -24.77
CA ARG A 496 -31.65 12.57 -26.22
C ARG A 496 -30.33 12.33 -26.97
N ASP A 497 -29.41 11.60 -26.33
CA ASP A 497 -28.05 11.47 -26.82
C ASP A 497 -27.42 10.17 -26.33
N SER A 498 -27.39 9.17 -27.19
CA SER A 498 -26.72 7.91 -26.85
C SER A 498 -25.47 7.73 -27.71
N LYS A 499 -25.24 8.70 -28.60
CA LYS A 499 -23.96 8.84 -29.29
C LYS A 499 -22.80 8.90 -28.29
N SER A 500 -22.93 9.81 -27.31
CA SER A 500 -21.92 10.06 -26.29
C SER A 500 -21.83 8.92 -25.27
N PRO A 501 -20.67 8.80 -24.61
CA PRO A 501 -20.52 7.74 -23.60
C PRO A 501 -21.27 8.08 -22.32
N GLN A 502 -21.89 7.07 -21.71
CA GLN A 502 -22.66 7.27 -20.49
C GLN A 502 -21.81 7.38 -19.22
N TRP A 503 -22.32 8.20 -18.30
CA TRP A 503 -21.75 8.39 -16.97
C TRP A 503 -22.52 7.50 -16.00
N PRO A 504 -21.97 6.32 -15.69
CA PRO A 504 -22.69 5.39 -14.82
C PRO A 504 -22.65 5.85 -13.37
N PRO A 505 -23.72 5.57 -12.61
CA PRO A 505 -23.71 5.78 -11.16
C PRO A 505 -22.52 5.12 -10.47
N TYR A 506 -22.15 5.65 -9.31
CA TYR A 506 -21.08 5.09 -8.52
C TYR A 506 -21.71 4.14 -7.52
N THR A 507 -21.34 2.86 -7.58
CA THR A 507 -21.88 1.86 -6.67
C THR A 507 -20.77 1.16 -5.89
N THR A 508 -21.10 0.61 -4.73
CA THR A 508 -20.05 0.03 -3.91
C THR A 508 -19.45 -1.25 -4.54
N ALA A 509 -20.16 -1.85 -5.50
CA ALA A 509 -19.63 -3.04 -6.20
C ALA A 509 -18.65 -2.73 -7.34
N ALA A 510 -18.99 -1.77 -8.20
CA ALA A 510 -18.14 -1.49 -9.37
C ALA A 510 -17.30 -0.22 -9.21
N GLN A 511 -17.69 0.61 -8.24
CA GLN A 511 -17.04 1.88 -7.96
C GLN A 511 -16.69 2.73 -9.19
N GLN A 512 -17.59 2.82 -10.15
CA GLN A 512 -17.28 3.57 -11.35
C GLN A 512 -17.32 5.08 -11.13
N TYR A 513 -16.51 5.80 -11.89
CA TYR A 513 -16.44 7.23 -11.84
C TYR A 513 -15.87 7.65 -13.18
N VAL A 514 -16.09 8.89 -13.59
CA VAL A 514 -15.62 9.32 -14.90
C VAL A 514 -14.51 10.35 -14.79
N SER A 515 -13.80 10.54 -15.90
CA SER A 515 -12.80 11.57 -15.95
C SER A 515 -13.31 12.69 -16.81
N LEU A 516 -13.13 13.92 -16.34
CA LEU A 516 -13.55 15.08 -17.07
C LEU A 516 -12.31 15.76 -17.64
N ASN A 517 -12.18 15.71 -18.96
CA ASN A 517 -11.12 16.42 -19.66
C ASN A 517 -11.55 16.64 -21.08
N LEU A 518 -10.65 17.13 -21.93
CA LEU A 518 -11.01 17.45 -23.31
C LEU A 518 -11.37 16.20 -24.11
N LYS A 519 -11.05 15.01 -23.58
CA LYS A 519 -11.38 13.75 -24.24
C LYS A 519 -12.81 13.31 -23.88
N PRO A 520 -13.41 12.45 -24.70
CA PRO A 520 -14.75 11.95 -24.34
C PRO A 520 -14.74 11.24 -22.99
N LEU A 521 -15.90 11.19 -22.34
CA LEU A 521 -16.03 10.57 -21.03
C LEU A 521 -15.35 9.22 -20.99
N GLU A 522 -14.61 8.99 -19.92
CA GLU A 522 -13.95 7.71 -19.72
C GLU A 522 -14.32 7.15 -18.34
N VAL A 523 -14.86 5.94 -18.31
CA VAL A 523 -15.22 5.28 -17.05
C VAL A 523 -14.04 4.53 -16.41
N ARG A 524 -13.84 4.74 -15.11
CA ARG A 524 -12.77 4.07 -14.36
C ARG A 524 -13.33 3.43 -13.08
N ARG A 525 -12.56 2.55 -12.45
CA ARG A 525 -13.08 1.84 -11.29
C ARG A 525 -12.13 2.00 -10.11
N GLY A 526 -12.70 2.19 -8.92
CA GLY A 526 -11.93 2.48 -7.73
C GLY A 526 -11.47 3.92 -7.68
N LEU A 527 -12.04 4.67 -6.75
CA LEU A 527 -11.68 6.07 -6.62
C LEU A 527 -10.49 6.16 -5.70
N ARG A 528 -9.31 6.07 -6.30
CA ARG A 528 -8.05 5.99 -5.58
C ARG A 528 -8.24 4.99 -4.45
N ALA A 529 -8.64 3.78 -4.84
CA ALA A 529 -9.17 2.78 -3.91
C ALA A 529 -8.15 2.21 -2.91
N GLN A 530 -6.96 1.88 -3.37
CA GLN A 530 -6.00 1.29 -2.45
C GLN A 530 -5.60 2.30 -1.38
N THR A 531 -5.13 3.46 -1.83
CA THR A 531 -4.70 4.52 -0.92
C THR A 531 -5.77 5.02 0.08
N CYS A 532 -7.03 5.08 -0.32
CA CYS A 532 -8.01 5.59 0.61
C CYS A 532 -8.44 4.52 1.61
N ALA A 533 -8.26 3.25 1.25
CA ALA A 533 -8.44 2.19 2.24
C ALA A 533 -7.42 2.40 3.37
N PHE A 534 -6.18 2.71 2.99
CA PHE A 534 -5.16 3.08 3.98
C PHE A 534 -5.65 4.20 4.89
N TRP A 535 -6.07 5.32 4.28
CA TRP A 535 -6.45 6.52 5.04
C TRP A 535 -7.74 6.36 5.82
N ASN A 536 -8.75 5.76 5.22
CA ASN A 536 -10.07 5.65 5.85
C ASN A 536 -10.23 4.42 6.75
N ARG A 537 -9.46 3.36 6.51
CA ARG A 537 -9.62 2.13 7.28
C ARG A 537 -8.50 1.84 8.27
N PHE A 538 -7.25 1.84 7.81
CA PHE A 538 -6.15 1.47 8.69
C PHE A 538 -5.70 2.63 9.56
N LEU A 539 -5.30 3.73 8.92
CA LEU A 539 -4.67 4.83 9.66
C LEU A 539 -5.45 5.33 10.89
N PRO A 540 -6.79 5.30 10.86
CA PRO A 540 -7.45 5.65 12.13
C PRO A 540 -7.27 4.63 13.26
N LYS A 541 -6.04 4.46 13.75
CA LYS A 541 -5.78 3.65 14.95
C LYS A 541 -4.71 4.38 15.75
N LEU A 542 -3.57 4.49 15.10
CA LEU A 542 -2.40 5.18 15.60
C LEU A 542 -2.54 6.72 15.49
N LEU A 543 -3.70 7.19 15.00
CA LEU A 543 -3.93 8.62 14.72
C LEU A 543 -4.08 9.43 16.01
N GLU B 7 37.88 -54.45 -13.45
CA GLU B 7 37.73 -53.27 -12.60
C GLU B 7 38.33 -52.01 -13.25
N ASP B 8 37.56 -50.92 -13.19
CA ASP B 8 37.88 -49.66 -13.87
C ASP B 8 38.71 -48.70 -13.01
N PRO B 9 39.89 -48.29 -13.48
CA PRO B 9 40.76 -47.38 -12.71
C PRO B 9 40.17 -45.99 -12.54
N GLN B 10 39.28 -45.59 -13.45
CA GLN B 10 38.58 -44.33 -13.34
C GLN B 10 37.64 -44.35 -12.13
N LEU B 11 37.17 -45.56 -11.80
CA LEU B 11 36.21 -45.74 -10.71
C LEU B 11 36.85 -46.18 -9.39
N LEU B 12 38.17 -46.18 -9.30
CA LEU B 12 38.81 -46.55 -8.05
C LEU B 12 39.60 -45.34 -7.56
N VAL B 13 39.08 -44.66 -6.55
CA VAL B 13 39.74 -43.46 -6.03
C VAL B 13 40.26 -43.72 -4.64
N ARG B 14 41.34 -43.04 -4.27
CA ARG B 14 41.88 -43.16 -2.93
C ARG B 14 41.76 -41.80 -2.22
N VAL B 15 40.89 -41.75 -1.21
CA VAL B 15 40.73 -40.58 -0.37
C VAL B 15 41.53 -40.82 0.91
N ARG B 16 41.52 -39.86 1.84
CA ARG B 16 42.41 -39.94 3.00
C ARG B 16 42.10 -41.07 3.98
N GLY B 17 41.02 -41.80 3.77
CA GLY B 17 40.66 -42.80 4.76
C GLY B 17 40.66 -44.20 4.22
N GLY B 18 40.93 -44.33 2.93
CA GLY B 18 40.93 -45.63 2.28
C GLY B 18 40.54 -45.55 0.82
N GLN B 19 40.45 -46.71 0.18
CA GLN B 19 40.05 -46.78 -1.21
C GLN B 19 38.55 -46.81 -1.32
N LEU B 20 38.04 -46.25 -2.41
CA LEU B 20 36.62 -46.29 -2.77
C LEU B 20 36.46 -46.81 -4.18
N ARG B 21 35.37 -47.52 -4.43
CA ARG B 21 35.02 -47.89 -5.79
C ARG B 21 33.69 -47.27 -6.14
N GLY B 22 33.66 -46.54 -7.24
CA GLY B 22 32.46 -45.86 -7.68
C GLY B 22 31.69 -46.69 -8.68
N ILE B 23 30.77 -46.06 -9.38
CA ILE B 23 29.99 -46.70 -10.43
C ILE B 23 29.80 -45.75 -11.61
N ARG B 24 30.12 -46.22 -12.80
CA ARG B 24 29.97 -45.43 -14.02
C ARG B 24 28.49 -45.39 -14.42
N LEU B 25 27.91 -44.19 -14.39
CA LEU B 25 26.50 -44.00 -14.66
C LEU B 25 26.28 -43.47 -16.06
N LYS B 26 25.05 -43.61 -16.55
CA LYS B 26 24.71 -43.14 -17.87
C LYS B 26 23.90 -41.84 -17.79
N ALA B 27 24.46 -40.80 -18.40
CA ALA B 27 23.75 -39.55 -18.62
C ALA B 27 23.38 -39.53 -20.11
N PRO B 28 22.45 -38.64 -20.51
CA PRO B 28 22.04 -38.61 -21.92
C PRO B 28 23.19 -38.39 -22.92
N GLY B 29 24.11 -37.49 -22.59
CA GLY B 29 25.24 -37.21 -23.48
C GLY B 29 26.45 -38.07 -23.22
N GLY B 30 26.32 -39.03 -22.30
CA GLY B 30 27.43 -39.91 -21.99
C GLY B 30 27.53 -40.37 -20.55
N PRO B 31 28.72 -40.85 -20.16
CA PRO B 31 28.97 -41.42 -18.84
C PRO B 31 29.42 -40.40 -17.80
N VAL B 32 29.16 -40.69 -16.54
CA VAL B 32 29.79 -39.97 -15.45
C VAL B 32 30.21 -40.98 -14.39
N SER B 33 31.28 -40.66 -13.67
CA SER B 33 31.65 -41.44 -12.50
C SER B 33 30.86 -40.96 -11.28
N ALA B 34 30.19 -41.87 -10.60
CA ALA B 34 29.51 -41.54 -9.36
C ALA B 34 30.17 -42.21 -8.17
N PHE B 35 30.26 -41.50 -7.06
CA PHE B 35 30.75 -42.09 -5.82
C PHE B 35 29.74 -41.84 -4.73
N LEU B 36 28.77 -42.76 -4.61
CA LEU B 36 27.67 -42.59 -3.68
C LEU B 36 27.94 -43.28 -2.33
N GLY B 37 27.45 -42.70 -1.24
CA GLY B 37 27.51 -43.34 0.07
C GLY B 37 28.87 -43.36 0.73
N ILE B 38 29.61 -42.26 0.61
CA ILE B 38 30.92 -42.17 1.24
C ILE B 38 30.77 -41.72 2.68
N PRO B 39 31.26 -42.51 3.64
CA PRO B 39 31.15 -42.00 5.01
C PRO B 39 32.06 -40.82 5.25
N PHE B 40 31.54 -39.75 5.84
CA PHE B 40 32.39 -38.64 6.23
C PHE B 40 32.40 -38.43 7.74
N ALA B 41 31.50 -39.13 8.44
CA ALA B 41 31.48 -39.09 9.91
C ALA B 41 31.29 -40.48 10.55
N GLU B 42 31.74 -40.64 11.79
CA GLU B 42 31.33 -41.77 12.62
C GLU B 42 29.82 -41.72 12.79
N PRO B 43 29.15 -42.88 12.63
CA PRO B 43 27.69 -42.88 12.79
C PRO B 43 27.23 -42.29 14.13
N PRO B 44 26.30 -41.33 14.05
CA PRO B 44 25.85 -40.58 15.22
C PRO B 44 24.79 -41.35 16.02
N VAL B 45 25.05 -42.63 16.28
CA VAL B 45 24.11 -43.46 17.04
C VAL B 45 24.54 -43.59 18.50
N GLY B 46 23.71 -44.28 19.28
CA GLY B 46 23.92 -44.43 20.71
C GLY B 46 24.21 -43.13 21.42
N SER B 47 25.40 -43.04 22.01
CA SER B 47 25.75 -41.90 22.84
C SER B 47 26.15 -40.70 21.98
N ARG B 48 26.32 -40.95 20.70
CA ARG B 48 26.70 -39.90 19.77
C ARG B 48 25.48 -39.10 19.28
N ARG B 49 24.28 -39.60 19.60
CA ARG B 49 23.05 -38.89 19.28
C ARG B 49 23.05 -37.53 19.95
N PHE B 50 22.61 -36.52 19.18
CA PHE B 50 22.60 -35.09 19.57
C PHE B 50 23.99 -34.48 19.67
N MET B 51 25.06 -35.25 19.44
CA MET B 51 26.39 -34.70 19.63
C MET B 51 26.97 -34.26 18.29
N PRO B 52 27.97 -33.38 18.32
CA PRO B 52 28.63 -33.03 17.08
C PRO B 52 29.19 -34.26 16.34
N PRO B 53 29.36 -34.15 15.02
CA PRO B 53 29.92 -35.30 14.32
C PRO B 53 31.40 -35.42 14.61
N GLU B 54 31.91 -36.65 14.60
CA GLU B 54 33.35 -36.89 14.66
C GLU B 54 33.75 -37.41 13.28
N PRO B 55 34.95 -37.05 12.80
CA PRO B 55 35.46 -37.54 11.51
C PRO B 55 35.45 -39.08 11.39
N LYS B 56 35.17 -39.59 10.19
CA LYS B 56 35.16 -41.04 9.92
C LYS B 56 36.53 -41.69 10.19
N ARG B 57 36.54 -42.81 10.91
CA ARG B 57 37.77 -43.57 11.10
C ARG B 57 38.15 -44.22 9.75
N PRO B 58 39.46 -44.35 9.47
CA PRO B 58 39.94 -44.97 8.23
C PRO B 58 39.49 -46.41 8.06
N TRP B 59 39.60 -46.94 6.86
CA TRP B 59 39.11 -48.29 6.61
C TRP B 59 40.04 -49.13 5.75
N SER B 60 39.92 -50.45 5.94
CA SER B 60 40.68 -51.42 5.20
C SER B 60 40.00 -51.71 3.87
N GLY B 61 40.78 -52.19 2.90
CA GLY B 61 40.24 -52.61 1.62
C GLY B 61 39.58 -51.53 0.81
N VAL B 62 38.69 -51.95 -0.07
CA VAL B 62 38.00 -51.06 -0.98
C VAL B 62 36.54 -50.94 -0.62
N LEU B 63 36.20 -49.74 -0.14
CA LEU B 63 34.87 -49.42 0.31
C LEU B 63 33.91 -49.30 -0.87
N ASP B 64 32.85 -50.07 -0.87
CA ASP B 64 31.89 -49.96 -1.96
C ASP B 64 31.11 -48.66 -1.85
N ALA B 65 31.34 -47.78 -2.82
CA ALA B 65 30.67 -46.50 -2.90
C ALA B 65 29.88 -46.42 -4.21
N THR B 66 28.99 -47.38 -4.44
CA THR B 66 28.26 -47.45 -5.70
C THR B 66 26.79 -47.19 -5.52
N THR B 67 26.41 -46.85 -4.30
CA THR B 67 25.02 -46.97 -3.93
C THR B 67 24.64 -45.86 -2.94
N PHE B 68 23.43 -45.33 -3.04
CA PHE B 68 22.99 -44.32 -2.09
C PHE B 68 22.86 -44.92 -0.71
N GLN B 69 23.41 -44.25 0.30
CA GLN B 69 23.20 -44.69 1.68
C GLN B 69 21.83 -44.29 2.20
N ASN B 70 21.65 -44.44 3.51
CA ASN B 70 20.36 -44.27 4.15
C ASN B 70 19.98 -42.81 4.38
N VAL B 71 18.68 -42.54 4.34
CA VAL B 71 18.14 -41.20 4.57
C VAL B 71 18.14 -40.92 6.07
N CYS B 72 18.55 -39.70 6.47
CA CYS B 72 18.62 -39.39 7.91
C CYS B 72 17.24 -39.50 8.53
N TYR B 73 17.17 -40.01 9.76
CA TYR B 73 15.85 -40.32 10.34
C TYR B 73 15.02 -39.03 10.43
N GLN B 74 13.81 -39.12 9.85
CA GLN B 74 12.96 -37.96 9.65
C GLN B 74 11.48 -38.33 9.56
N TYR B 75 10.63 -37.33 9.81
CA TYR B 75 9.20 -37.46 9.54
C TYR B 75 8.94 -37.83 8.07
N VAL B 76 7.94 -38.67 7.83
CA VAL B 76 7.56 -38.99 6.45
C VAL B 76 6.16 -38.48 6.14
N ASP B 77 6.04 -37.69 5.08
CA ASP B 77 4.78 -37.05 4.74
C ASP B 77 3.71 -38.00 4.21
N THR B 78 2.48 -37.79 4.69
CA THR B 78 1.36 -38.69 4.43
C THR B 78 0.11 -38.01 3.95
N LEU B 79 0.18 -36.71 3.65
CA LEU B 79 -1.01 -35.94 3.32
C LEU B 79 -1.70 -36.46 2.06
N TYR B 80 -0.91 -36.82 1.05
CA TYR B 80 -1.45 -37.31 -0.21
C TYR B 80 -0.72 -38.57 -0.68
N PRO B 81 -0.97 -39.70 0.00
CA PRO B 81 -0.22 -40.95 -0.27
C PRO B 81 -0.23 -41.36 -1.75
N GLY B 82 0.97 -41.59 -2.31
CA GLY B 82 1.09 -42.02 -3.69
C GLY B 82 1.19 -40.89 -4.70
N PHE B 83 0.63 -39.73 -4.37
CA PHE B 83 0.73 -38.50 -5.17
C PHE B 83 2.18 -38.17 -5.53
N GLU B 84 2.46 -38.02 -6.82
CA GLU B 84 3.81 -37.72 -7.28
C GLU B 84 4.29 -36.40 -6.66
N GLY B 85 3.42 -35.38 -6.71
CA GLY B 85 3.72 -34.06 -6.16
C GLY B 85 4.35 -34.04 -4.78
N THR B 86 3.84 -34.84 -3.85
CA THR B 86 4.43 -34.93 -2.51
C THR B 86 5.49 -36.05 -2.38
N GLU B 87 5.23 -37.22 -2.96
CA GLU B 87 6.14 -38.35 -2.74
C GLU B 87 7.53 -38.07 -3.31
N MET B 88 7.64 -37.06 -4.17
CA MET B 88 8.91 -36.77 -4.81
C MET B 88 9.91 -36.16 -3.83
N TRP B 89 9.43 -35.68 -2.69
CA TRP B 89 10.28 -35.12 -1.63
C TRP B 89 10.48 -36.10 -0.48
N ASN B 90 9.78 -37.23 -0.56
CA ASN B 90 9.81 -38.23 0.50
C ASN B 90 11.08 -39.08 0.39
N PRO B 91 11.53 -39.66 1.51
CA PRO B 91 12.70 -40.52 1.48
C PRO B 91 12.61 -41.60 0.41
N ASN B 92 13.72 -41.88 -0.25
CA ASN B 92 13.77 -42.86 -1.31
C ASN B 92 14.86 -43.89 -1.00
N ARG B 93 15.28 -43.89 0.26
CA ARG B 93 16.06 -44.98 0.82
C ARG B 93 15.50 -45.18 2.23
N GLU B 94 15.96 -46.21 2.92
CA GLU B 94 15.43 -46.50 4.24
C GLU B 94 15.92 -45.50 5.29
N LEU B 95 15.10 -45.25 6.29
CA LEU B 95 15.49 -44.35 7.37
C LEU B 95 16.52 -45.01 8.27
N SER B 96 17.44 -44.21 8.80
CA SER B 96 18.38 -44.66 9.83
C SER B 96 19.08 -43.46 10.49
N GLU B 97 19.40 -43.56 11.78
CA GLU B 97 20.29 -42.57 12.39
C GLU B 97 21.72 -42.72 11.86
N ASP B 98 21.99 -43.84 11.20
CA ASP B 98 23.30 -44.04 10.57
C ASP B 98 23.16 -43.55 9.15
N CYS B 99 23.53 -42.29 8.92
CA CYS B 99 23.20 -41.57 7.68
C CYS B 99 24.22 -40.51 7.25
N LEU B 100 25.26 -40.29 8.05
CA LEU B 100 26.23 -39.26 7.69
C LEU B 100 27.16 -39.68 6.55
N TYR B 101 26.58 -39.75 5.35
CA TYR B 101 27.30 -40.07 4.12
C TYR B 101 27.09 -38.94 3.09
N LEU B 102 28.05 -38.76 2.18
CA LEU B 102 27.94 -37.78 1.09
C LEU B 102 28.16 -38.44 -0.26
N ASN B 103 27.62 -37.86 -1.32
CA ASN B 103 27.83 -38.37 -2.69
C ASN B 103 28.64 -37.42 -3.57
N VAL B 104 29.31 -37.96 -4.57
CA VAL B 104 30.19 -37.17 -5.45
C VAL B 104 29.98 -37.54 -6.90
N TRP B 105 29.67 -36.57 -7.75
CA TRP B 105 29.58 -36.83 -9.19
C TRP B 105 30.72 -36.15 -9.95
N THR B 106 31.18 -36.80 -11.00
CA THR B 106 32.35 -36.35 -11.73
C THR B 106 32.19 -36.73 -13.20
N PRO B 107 32.78 -35.96 -14.12
CA PRO B 107 32.77 -36.37 -15.52
C PRO B 107 33.55 -37.69 -15.71
N TYR B 108 33.17 -38.46 -16.73
CA TYR B 108 33.89 -39.68 -17.08
C TYR B 108 34.54 -39.49 -18.43
N PRO B 109 35.88 -39.50 -18.47
CA PRO B 109 36.84 -39.77 -17.37
C PRO B 109 37.05 -38.62 -16.39
N ARG B 110 37.61 -38.93 -15.22
CA ARG B 110 37.91 -37.93 -14.19
C ARG B 110 38.64 -36.75 -14.81
N PRO B 111 38.24 -35.52 -14.43
CA PRO B 111 38.68 -34.26 -15.04
C PRO B 111 40.19 -34.17 -15.19
N ALA B 112 40.62 -33.62 -16.32
CA ALA B 112 42.05 -33.43 -16.60
C ALA B 112 42.66 -32.43 -15.64
N SER B 113 41.99 -31.30 -15.54
CA SER B 113 42.43 -30.19 -14.71
C SER B 113 41.40 -29.89 -13.61
N PRO B 114 41.87 -29.42 -12.45
CA PRO B 114 41.00 -29.09 -11.31
C PRO B 114 39.73 -28.32 -11.70
N THR B 115 38.57 -28.90 -11.40
CA THR B 115 37.27 -28.38 -11.80
C THR B 115 36.55 -27.71 -10.62
N PRO B 116 35.86 -26.58 -10.87
CA PRO B 116 35.03 -25.96 -9.83
C PRO B 116 34.03 -26.93 -9.18
N VAL B 117 33.99 -26.92 -7.85
CA VAL B 117 33.10 -27.81 -7.09
C VAL B 117 31.84 -27.09 -6.62
N LEU B 118 30.67 -27.67 -6.91
CA LEU B 118 29.41 -27.21 -6.32
C LEU B 118 28.91 -28.20 -5.26
N ILE B 119 28.73 -27.75 -4.02
CA ILE B 119 28.15 -28.59 -2.99
C ILE B 119 26.66 -28.30 -2.76
N TRP B 120 25.81 -29.32 -2.83
CA TRP B 120 24.36 -29.15 -2.62
C TRP B 120 23.89 -29.46 -1.20
N ILE B 121 23.24 -28.50 -0.57
CA ILE B 121 22.61 -28.75 0.72
C ILE B 121 21.08 -28.74 0.55
N TYR B 122 20.44 -29.91 0.67
CA TYR B 122 18.99 -30.01 0.51
C TYR B 122 18.24 -29.26 1.59
N GLY B 123 17.01 -28.93 1.28
CA GLY B 123 16.09 -28.39 2.26
C GLY B 123 15.02 -29.40 2.60
N GLY B 124 13.91 -28.93 3.15
CA GLY B 124 12.93 -29.80 3.75
C GLY B 124 12.69 -29.40 5.21
N GLY B 125 12.89 -28.11 5.50
CA GLY B 125 12.47 -27.53 6.76
C GLY B 125 13.22 -27.88 8.02
N PHE B 126 14.44 -28.37 7.86
CA PHE B 126 15.24 -28.89 8.99
C PHE B 126 14.53 -30.06 9.69
N TYR B 127 13.63 -30.74 9.01
CA TYR B 127 12.92 -31.87 9.61
C TYR B 127 12.87 -33.04 8.65
N SER B 128 13.47 -32.88 7.47
CA SER B 128 13.36 -33.87 6.41
C SER B 128 14.33 -33.54 5.28
N GLY B 129 14.43 -34.45 4.32
CA GLY B 129 15.30 -34.23 3.19
C GLY B 129 16.36 -35.29 3.05
N ALA B 130 16.74 -35.58 1.82
CA ALA B 130 17.77 -36.57 1.55
C ALA B 130 18.57 -36.14 0.33
N ALA B 131 19.87 -36.43 0.34
CA ALA B 131 20.72 -36.06 -0.79
C ALA B 131 20.47 -36.97 -1.99
N SER B 132 19.66 -38.02 -1.79
CA SER B 132 19.46 -39.05 -2.81
C SER B 132 18.19 -38.91 -3.65
N LEU B 133 17.38 -37.88 -3.38
CA LEU B 133 16.17 -37.63 -4.17
C LEU B 133 16.52 -37.49 -5.65
N ASP B 134 15.56 -37.80 -6.52
CA ASP B 134 15.80 -37.75 -7.95
C ASP B 134 16.10 -36.34 -8.46
N VAL B 135 15.45 -35.33 -7.88
CA VAL B 135 15.68 -33.95 -8.30
C VAL B 135 17.02 -33.38 -7.88
N TYR B 136 17.81 -34.12 -7.11
CA TYR B 136 19.14 -33.61 -6.76
C TYR B 136 20.22 -34.38 -7.52
N ASP B 137 19.80 -35.08 -8.58
CA ASP B 137 20.71 -35.93 -9.36
C ASP B 137 21.83 -35.15 -10.07
N GLY B 138 23.06 -35.43 -9.68
CA GLY B 138 24.19 -34.65 -10.14
C GLY B 138 24.82 -35.09 -11.46
N ARG B 139 24.24 -36.08 -12.12
CA ARG B 139 24.89 -36.64 -13.31
C ARG B 139 24.87 -35.64 -14.46
N PHE B 140 23.82 -34.81 -14.51
CA PHE B 140 23.62 -33.89 -15.61
C PHE B 140 24.56 -32.69 -15.56
N LEU B 141 24.67 -32.08 -14.39
CA LEU B 141 25.60 -30.96 -14.24
C LEU B 141 27.03 -31.43 -14.44
N ALA B 142 27.30 -32.67 -14.08
CA ALA B 142 28.65 -33.22 -14.18
C ALA B 142 28.99 -33.56 -15.62
N GLN B 143 28.02 -34.11 -16.33
CA GLN B 143 28.25 -34.55 -17.70
C GLN B 143 28.32 -33.36 -18.63
N VAL B 144 27.26 -32.56 -18.64
CA VAL B 144 27.10 -31.45 -19.55
C VAL B 144 28.06 -30.27 -19.31
N GLU B 145 28.30 -29.90 -18.06
CA GLU B 145 29.12 -28.73 -17.73
C GLU B 145 30.48 -29.10 -17.16
N GLY B 146 30.69 -30.40 -16.98
CA GLY B 146 31.98 -30.89 -16.55
C GLY B 146 32.26 -30.64 -15.09
N ALA B 147 31.20 -30.33 -14.34
CA ALA B 147 31.32 -30.01 -12.92
C ALA B 147 31.58 -31.23 -12.05
N VAL B 148 32.27 -30.99 -10.93
CA VAL B 148 32.32 -31.94 -9.83
C VAL B 148 31.24 -31.56 -8.81
N LEU B 149 30.26 -32.42 -8.61
CA LEU B 149 29.12 -32.08 -7.77
C LEU B 149 28.97 -32.94 -6.52
N VAL B 150 29.01 -32.31 -5.35
CA VAL B 150 28.95 -33.03 -4.07
C VAL B 150 27.65 -32.75 -3.31
N SER B 151 27.12 -33.74 -2.59
CA SER B 151 25.96 -33.48 -1.73
C SER B 151 25.98 -34.42 -0.53
N MET B 152 25.74 -33.88 0.66
CA MET B 152 25.82 -34.65 1.89
C MET B 152 24.45 -34.81 2.55
N ASN B 153 24.31 -35.87 3.34
CA ASN B 153 23.17 -35.97 4.23
C ASN B 153 23.58 -35.26 5.49
N TYR B 154 22.64 -34.56 6.13
CA TYR B 154 22.92 -33.99 7.45
C TYR B 154 21.76 -34.39 8.35
N ARG B 155 21.99 -34.50 9.65
CA ARG B 155 20.90 -34.93 10.53
C ARG B 155 19.80 -33.85 10.60
N VAL B 156 18.55 -34.26 10.51
CA VAL B 156 17.42 -33.33 10.67
C VAL B 156 16.59 -33.62 11.92
N GLY B 157 15.55 -32.84 12.12
CA GLY B 157 14.68 -33.03 13.25
C GLY B 157 15.40 -32.95 14.58
N THR B 158 14.89 -33.67 15.57
CA THR B 158 15.47 -33.64 16.91
C THR B 158 16.93 -34.10 16.86
N PHE B 159 17.23 -35.04 15.98
CA PHE B 159 18.58 -35.57 15.83
C PHE B 159 19.59 -34.54 15.36
N GLY B 160 19.12 -33.55 14.62
CA GLY B 160 20.02 -32.55 14.09
C GLY B 160 20.07 -31.28 14.92
N PHE B 161 18.95 -30.95 15.54
CA PHE B 161 18.83 -29.62 16.10
C PHE B 161 18.25 -29.53 17.51
N LEU B 162 17.80 -30.64 18.10
CA LEU B 162 17.42 -30.58 19.50
C LEU B 162 18.63 -30.11 20.32
N ALA B 163 18.44 -29.03 21.07
CA ALA B 163 19.53 -28.40 21.79
C ALA B 163 19.17 -28.11 23.24
N LEU B 164 20.11 -28.39 24.13
CA LEU B 164 20.06 -27.84 25.47
C LEU B 164 21.25 -26.90 25.57
N PRO B 165 21.05 -25.64 25.17
CA PRO B 165 22.09 -24.61 25.05
C PRO B 165 22.98 -24.55 26.28
N GLY B 166 24.28 -24.68 26.07
CA GLY B 166 25.21 -24.65 27.18
C GLY B 166 25.67 -26.04 27.60
N SER B 167 24.84 -27.05 27.36
CA SER B 167 25.19 -28.42 27.69
C SER B 167 26.26 -28.87 26.72
N ARG B 168 26.99 -29.92 27.08
CA ARG B 168 28.09 -30.37 26.25
C ARG B 168 27.62 -31.54 25.39
N GLU B 169 26.52 -32.16 25.80
CA GLU B 169 26.06 -33.38 25.15
C GLU B 169 24.85 -33.17 24.23
N ALA B 170 24.39 -31.92 24.13
CA ALA B 170 23.39 -31.49 23.15
C ALA B 170 23.50 -29.99 22.89
N PRO B 171 24.66 -29.56 22.37
CA PRO B 171 24.98 -28.13 22.27
C PRO B 171 24.18 -27.38 21.20
N GLY B 172 23.53 -28.13 20.32
CA GLY B 172 22.76 -27.55 19.24
C GLY B 172 23.52 -27.44 17.93
N ASN B 173 22.76 -27.30 16.86
CA ASN B 173 23.28 -27.09 15.52
C ASN B 173 24.16 -28.23 15.03
N VAL B 174 23.93 -29.47 15.48
CA VAL B 174 24.84 -30.52 15.04
C VAL B 174 24.58 -30.84 13.56
N GLY B 175 23.32 -30.70 13.14
CA GLY B 175 22.98 -30.80 11.73
C GLY B 175 23.82 -29.89 10.83
N LEU B 176 24.07 -28.66 11.28
CA LEU B 176 24.93 -27.75 10.52
C LEU B 176 26.40 -28.21 10.61
N LEU B 177 26.81 -28.71 11.78
CA LEU B 177 28.14 -29.25 11.94
C LEU B 177 28.33 -30.48 11.04
N ASP B 178 27.28 -31.26 10.83
CA ASP B 178 27.34 -32.33 9.85
C ASP B 178 27.72 -31.77 8.48
N GLN B 179 27.07 -30.68 8.10
CA GLN B 179 27.34 -30.04 6.82
C GLN B 179 28.75 -29.50 6.78
N ARG B 180 29.19 -28.87 7.89
CA ARG B 180 30.53 -28.31 7.94
C ARG B 180 31.58 -29.41 7.74
N LEU B 181 31.33 -30.57 8.33
CA LEU B 181 32.28 -31.68 8.24
C LEU B 181 32.43 -32.15 6.80
N ALA B 182 31.32 -32.29 6.09
CA ALA B 182 31.35 -32.65 4.69
C ALA B 182 32.12 -31.60 3.89
N LEU B 183 32.00 -30.33 4.29
CA LEU B 183 32.75 -29.27 3.64
C LEU B 183 34.25 -29.42 3.89
N GLN B 184 34.68 -29.82 5.09
CA GLN B 184 36.10 -30.07 5.32
C GLN B 184 36.53 -31.29 4.56
N TRP B 185 35.62 -32.24 4.43
CA TRP B 185 35.92 -33.47 3.71
C TRP B 185 36.25 -33.12 2.28
N VAL B 186 35.44 -32.25 1.67
CA VAL B 186 35.66 -31.83 0.30
C VAL B 186 37.01 -31.10 0.19
N GLN B 187 37.38 -30.35 1.23
CA GLN B 187 38.68 -29.68 1.23
C GLN B 187 39.83 -30.67 1.25
N GLU B 188 39.70 -31.71 2.06
CA GLU B 188 40.78 -32.68 2.24
C GLU B 188 40.80 -33.75 1.14
N ASN B 189 39.70 -33.91 0.41
CA ASN B 189 39.61 -35.06 -0.48
C ASN B 189 39.18 -34.82 -1.94
N ILE B 190 38.48 -33.73 -2.23
CA ILE B 190 37.81 -33.59 -3.53
C ILE B 190 38.82 -33.54 -4.69
N ALA B 191 40.04 -33.12 -4.39
CA ALA B 191 41.13 -33.08 -5.38
C ALA B 191 41.38 -34.43 -6.08
N ALA B 192 41.28 -35.53 -5.32
CA ALA B 192 41.44 -36.88 -5.86
C ALA B 192 40.41 -37.24 -6.92
N PHE B 193 39.32 -36.47 -6.96
CA PHE B 193 38.26 -36.67 -7.93
C PHE B 193 38.40 -35.67 -9.09
N GLY B 194 39.45 -34.86 -9.03
CA GLY B 194 39.66 -33.83 -10.03
C GLY B 194 38.95 -32.51 -9.73
N GLY B 195 38.35 -32.40 -8.55
CA GLY B 195 37.69 -31.18 -8.15
C GLY B 195 38.69 -30.20 -7.58
N ASP B 196 38.35 -28.92 -7.59
CA ASP B 196 39.27 -27.89 -7.13
C ASP B 196 38.90 -27.43 -5.72
N PRO B 197 39.69 -27.83 -4.71
CA PRO B 197 39.40 -27.40 -3.34
C PRO B 197 39.40 -25.89 -3.19
N MET B 198 40.01 -25.19 -4.14
CA MET B 198 40.07 -23.72 -4.08
C MET B 198 38.93 -22.98 -4.84
N SER B 199 38.07 -23.72 -5.53
CA SER B 199 36.86 -23.18 -6.13
C SER B 199 35.67 -24.04 -5.68
N VAL B 200 35.16 -23.74 -4.49
CA VAL B 200 34.01 -24.46 -3.94
C VAL B 200 32.79 -23.52 -3.81
N THR B 201 31.71 -23.87 -4.50
CA THR B 201 30.48 -23.08 -4.40
C THR B 201 29.38 -23.84 -3.67
N LEU B 202 28.87 -23.28 -2.57
CA LEU B 202 27.71 -23.90 -1.91
C LEU B 202 26.43 -23.51 -2.66
N PHE B 203 25.49 -24.44 -2.79
CA PHE B 203 24.15 -24.02 -3.22
C PHE B 203 23.11 -24.92 -2.61
N GLY B 204 21.93 -24.36 -2.36
CA GLY B 204 20.88 -25.06 -1.62
C GLY B 204 19.52 -24.39 -1.78
N GLU B 205 18.47 -25.07 -1.35
CA GLU B 205 17.11 -24.58 -1.48
C GLU B 205 16.35 -24.59 -0.14
N ALA B 207 15.31 -24.65 3.44
CA ALA B 207 16.14 -24.95 4.63
C ALA B 207 17.62 -25.09 4.27
N GLY B 208 17.87 -25.59 3.06
CA GLY B 208 19.22 -25.74 2.56
C GLY B 208 19.83 -24.39 2.27
N ALA B 209 19.00 -23.48 1.74
CA ALA B 209 19.45 -22.11 1.48
C ALA B 209 19.79 -21.41 2.80
N ALA B 210 18.90 -21.51 3.79
CA ALA B 210 19.19 -21.07 5.15
C ALA B 210 20.53 -21.58 5.66
N SER B 211 20.74 -22.90 5.57
CA SER B 211 21.99 -23.53 6.01
C SER B 211 23.18 -22.86 5.33
N VAL B 212 23.08 -22.74 4.02
CA VAL B 212 24.13 -22.09 3.24
C VAL B 212 24.41 -20.70 3.82
N GLY B 213 23.35 -19.93 4.07
CA GLY B 213 23.48 -18.61 4.67
C GLY B 213 24.17 -18.64 6.02
N MET B 214 23.82 -19.62 6.84
CA MET B 214 24.45 -19.71 8.15
C MET B 214 25.92 -20.12 8.07
N HIS B 215 26.33 -20.73 6.96
CA HIS B 215 27.76 -20.95 6.77
C HIS B 215 28.43 -19.63 6.43
N ILE B 216 27.72 -18.76 5.72
CA ILE B 216 28.26 -17.43 5.43
C ILE B 216 28.51 -16.70 6.74
N LEU B 217 27.56 -16.81 7.65
CA LEU B 217 27.55 -16.03 8.88
C LEU B 217 28.29 -16.71 10.05
N SER B 218 28.93 -17.85 9.78
CA SER B 218 29.70 -18.55 10.82
C SER B 218 31.17 -18.69 10.39
N LEU B 219 32.07 -18.18 11.20
CA LEU B 219 33.45 -18.02 10.73
C LEU B 219 34.21 -19.33 10.50
N PRO B 220 34.07 -20.35 11.38
CA PRO B 220 34.77 -21.60 11.05
C PRO B 220 34.41 -22.15 9.67
N SER B 221 33.16 -21.96 9.22
CA SER B 221 32.73 -22.45 7.90
C SER B 221 33.33 -21.64 6.76
N ARG B 222 33.63 -20.36 7.01
CA ARG B 222 33.92 -19.40 5.93
C ARG B 222 35.13 -19.77 5.09
N SER B 223 36.09 -20.48 5.66
CA SER B 223 37.27 -20.87 4.89
C SER B 223 37.10 -22.19 4.13
N LEU B 224 35.88 -22.72 4.04
CA LEU B 224 35.64 -23.98 3.34
C LEU B 224 34.90 -23.80 2.00
N PHE B 225 34.49 -22.57 1.68
CA PHE B 225 33.86 -22.31 0.37
C PHE B 225 34.19 -20.88 -0.08
N HIS B 226 33.81 -20.51 -1.29
CA HIS B 226 34.21 -19.22 -1.83
C HIS B 226 33.02 -18.45 -2.38
N ARG B 227 31.96 -19.17 -2.69
CA ARG B 227 30.78 -18.58 -3.31
C ARG B 227 29.55 -19.34 -2.82
N ALA B 228 28.41 -18.66 -2.78
CA ALA B 228 27.21 -19.27 -2.24
C ALA B 228 25.97 -18.95 -3.09
N VAL B 229 24.98 -19.84 -3.03
CA VAL B 229 23.76 -19.68 -3.78
C VAL B 229 22.58 -20.03 -2.90
N LEU B 230 21.64 -19.10 -2.75
CA LEU B 230 20.50 -19.28 -1.86
C LEU B 230 19.19 -19.29 -2.60
N GLN B 231 18.60 -20.47 -2.74
CA GLN B 231 17.37 -20.64 -3.49
C GLN B 231 16.16 -20.72 -2.56
N SER B 232 15.27 -19.73 -2.65
CA SER B 232 14.02 -19.67 -1.87
C SER B 232 14.20 -19.98 -0.37
N GLY B 233 15.24 -19.43 0.26
CA GLY B 233 15.41 -19.58 1.69
C GLY B 233 16.55 -18.72 2.25
N THR B 234 16.52 -18.47 3.55
CA THR B 234 17.34 -17.41 4.16
C THR B 234 17.71 -17.76 5.60
N PRO B 235 18.90 -17.30 6.05
CA PRO B 235 19.22 -17.51 7.48
C PRO B 235 18.41 -16.57 8.35
N ASN B 236 18.23 -15.34 7.89
CA ASN B 236 17.31 -14.40 8.50
C ASN B 236 15.90 -14.83 8.19
N GLY B 237 14.94 -14.33 8.98
CA GLY B 237 13.56 -14.63 8.71
C GLY B 237 12.81 -15.15 9.91
N PRO B 238 11.54 -15.50 9.71
CA PRO B 238 10.74 -15.92 10.87
C PRO B 238 10.92 -17.39 11.27
N TRP B 239 11.52 -18.22 10.42
CA TRP B 239 11.49 -19.67 10.69
C TRP B 239 12.86 -20.39 10.78
N ALA B 240 13.92 -19.80 10.25
CA ALA B 240 15.18 -20.51 10.12
C ALA B 240 15.96 -20.63 11.43
N THR B 241 15.69 -19.77 12.41
CA THR B 241 16.39 -19.86 13.69
C THR B 241 15.46 -19.73 14.90
N VAL B 242 15.94 -20.20 16.06
CA VAL B 242 15.30 -20.02 17.37
C VAL B 242 16.31 -19.44 18.35
N SER B 243 15.80 -18.98 19.50
CA SER B 243 16.66 -18.47 20.56
C SER B 243 17.13 -19.59 21.50
N ALA B 244 18.23 -19.34 22.19
CA ALA B 244 18.72 -20.27 23.18
C ALA B 244 17.60 -20.65 24.15
N GLY B 245 16.92 -19.65 24.69
CA GLY B 245 15.87 -19.89 25.66
C GLY B 245 14.71 -20.69 25.11
N GLU B 246 14.34 -20.41 23.87
CA GLU B 246 13.24 -21.12 23.24
C GLU B 246 13.59 -22.56 22.85
N ALA B 247 14.84 -22.77 22.44
CA ALA B 247 15.29 -24.12 22.08
C ALA B 247 15.29 -25.01 23.34
N ARG B 248 15.68 -24.42 24.47
CA ARG B 248 15.62 -25.12 25.74
C ARG B 248 14.18 -25.46 26.12
N ARG B 249 13.28 -24.49 26.01
CA ARG B 249 11.88 -24.70 26.33
C ARG B 249 11.30 -25.85 25.51
N ARG B 250 11.71 -25.93 24.25
CA ARG B 250 11.20 -26.92 23.30
C ARG B 250 11.77 -28.31 23.54
N ALA B 251 13.07 -28.38 23.83
CA ALA B 251 13.68 -29.68 24.12
C ALA B 251 13.08 -30.26 25.39
N THR B 252 12.98 -29.42 26.42
CA THR B 252 12.47 -29.86 27.70
C THR B 252 11.02 -30.36 27.55
N LEU B 253 10.21 -29.66 26.75
CA LEU B 253 8.83 -30.11 26.55
C LEU B 253 8.77 -31.39 25.69
N LEU B 254 9.75 -31.58 24.81
CA LEU B 254 9.84 -32.83 24.05
C LEU B 254 10.20 -33.97 24.98
N ALA B 255 11.12 -33.68 25.91
CA ALA B 255 11.54 -34.66 26.90
C ALA B 255 10.34 -35.15 27.69
N ARG B 256 9.63 -34.21 28.31
CA ARG B 256 8.50 -34.61 29.16
C ARG B 256 7.46 -35.36 28.32
N LEU B 257 7.25 -34.99 27.06
CA LEU B 257 6.29 -35.71 26.21
C LEU B 257 6.67 -37.19 25.93
N VAL B 258 7.95 -37.55 25.99
CA VAL B 258 8.34 -38.95 25.77
C VAL B 258 8.69 -39.69 27.06
N GLY B 259 8.74 -38.98 28.18
CA GLY B 259 8.90 -39.60 29.49
C GLY B 259 10.17 -39.25 30.23
N CYS B 260 10.71 -38.05 29.99
CA CYS B 260 12.02 -37.68 30.50
C CYS B 260 12.01 -36.32 31.21
N PRO B 261 12.52 -36.25 32.46
CA PRO B 261 13.16 -37.33 33.24
C PRO B 261 12.14 -38.35 33.79
N ASN B 268 18.35 -31.49 35.65
CA ASN B 268 19.74 -31.70 35.22
C ASN B 268 19.80 -32.00 33.72
N ASP B 269 20.71 -31.32 33.02
CA ASP B 269 20.87 -31.49 31.58
C ASP B 269 21.32 -32.91 31.19
N THR B 270 22.48 -33.31 31.69
CA THR B 270 23.07 -34.60 31.35
C THR B 270 22.10 -35.76 31.57
N GLU B 271 21.36 -35.66 32.65
CA GLU B 271 20.34 -36.65 32.99
C GLU B 271 19.29 -36.71 31.89
N LEU B 272 18.76 -35.55 31.53
CA LEU B 272 17.67 -35.42 30.57
C LEU B 272 18.03 -35.97 29.18
N ILE B 273 19.21 -35.59 28.69
CA ILE B 273 19.68 -36.06 27.39
C ILE B 273 19.89 -37.56 27.39
N ALA B 274 20.53 -38.07 28.44
CA ALA B 274 20.73 -39.51 28.57
C ALA B 274 19.40 -40.26 28.40
N CYS B 275 18.36 -39.81 29.08
CA CYS B 275 17.06 -40.47 28.92
C CYS B 275 16.56 -40.38 27.47
N LEU B 276 16.84 -39.27 26.79
CA LEU B 276 16.44 -39.11 25.39
C LEU B 276 17.18 -40.07 24.46
N ARG B 277 18.46 -40.33 24.76
CA ARG B 277 19.26 -41.26 23.96
C ARG B 277 18.70 -42.68 24.04
N THR B 278 17.97 -42.98 25.10
CA THR B 278 17.35 -44.29 25.23
C THR B 278 16.10 -44.47 24.36
N ARG B 279 15.50 -43.38 23.89
CA ARG B 279 14.23 -43.51 23.16
C ARG B 279 14.41 -43.91 21.69
N PRO B 280 13.59 -44.88 21.23
CA PRO B 280 13.59 -45.26 19.80
C PRO B 280 13.35 -44.04 18.92
N ALA B 281 13.95 -43.99 17.75
CA ALA B 281 13.91 -42.79 16.93
C ALA B 281 12.49 -42.32 16.63
N GLN B 282 11.60 -43.26 16.33
CA GLN B 282 10.25 -42.89 15.90
C GLN B 282 9.39 -42.34 17.06
N ASP B 283 9.73 -42.67 18.31
CA ASP B 283 9.09 -42.01 19.46
C ASP B 283 9.36 -40.51 19.41
N LEU B 284 10.63 -40.13 19.21
CA LEU B 284 11.02 -38.73 19.10
C LEU B 284 10.29 -38.04 17.93
N VAL B 285 10.35 -38.63 16.74
CA VAL B 285 9.65 -38.12 15.57
C VAL B 285 8.14 -37.93 15.81
N ASP B 286 7.51 -38.84 16.55
CA ASP B 286 6.07 -38.79 16.82
C ASP B 286 5.63 -37.54 17.62
N HIS B 287 6.46 -37.13 18.57
CA HIS B 287 6.16 -36.02 19.47
C HIS B 287 6.92 -34.74 19.08
N GLU B 288 7.65 -34.84 17.96
CA GLU B 288 8.46 -33.78 17.38
C GLU B 288 7.69 -32.45 17.24
N TRP B 289 6.45 -32.54 16.80
CA TRP B 289 5.73 -31.35 16.43
C TRP B 289 4.66 -30.90 17.42
N HIS B 290 4.21 -31.77 18.31
CA HIS B 290 3.16 -31.38 19.22
C HIS B 290 3.71 -30.40 20.22
N VAL B 291 4.84 -29.82 19.92
CA VAL B 291 5.63 -29.14 20.92
C VAL B 291 5.57 -27.63 20.94
N LEU B 292 4.97 -27.07 19.94
CA LEU B 292 4.73 -25.64 19.78
C LEU B 292 3.24 -25.35 19.64
N PRO B 293 2.81 -24.18 20.10
CA PRO B 293 1.41 -23.77 20.03
C PRO B 293 0.93 -23.90 18.58
N GLN B 294 -0.11 -24.68 18.33
CA GLN B 294 -0.39 -25.09 16.96
C GLN B 294 -0.99 -23.99 16.06
N GLU B 295 -0.80 -22.72 16.43
CA GLU B 295 -0.97 -21.62 15.47
C GLU B 295 0.33 -21.54 14.67
N SER B 296 1.37 -22.16 15.22
CA SER B 296 2.68 -22.22 14.61
C SER B 296 2.81 -23.41 13.67
N ILE B 297 1.78 -23.66 12.86
CA ILE B 297 1.84 -24.76 11.91
C ILE B 297 2.83 -24.45 10.76
N PHE B 298 3.01 -23.17 10.44
CA PHE B 298 4.03 -22.78 9.46
C PHE B 298 5.35 -22.48 10.16
N ARG B 299 5.76 -23.39 11.03
CA ARG B 299 6.89 -23.19 11.93
C ARG B 299 7.33 -24.57 12.47
N PHE B 300 8.62 -24.88 12.37
CA PHE B 300 9.08 -26.19 12.85
C PHE B 300 9.86 -26.12 14.16
N SER B 301 9.68 -27.13 15.00
CA SER B 301 10.23 -27.16 16.36
C SER B 301 11.74 -27.05 16.49
N PHE B 302 12.48 -27.78 15.66
CA PHE B 302 13.92 -27.92 15.89
C PHE B 302 14.73 -27.49 14.67
N VAL B 303 15.29 -26.29 14.79
CA VAL B 303 15.95 -25.59 13.69
C VAL B 303 17.21 -25.02 14.31
N PRO B 304 18.11 -24.45 13.47
CA PRO B 304 19.31 -23.83 14.03
C PRO B 304 19.02 -22.92 15.21
N VAL B 305 19.79 -23.09 16.28
CA VAL B 305 19.69 -22.24 17.47
C VAL B 305 20.78 -21.15 17.45
N VAL B 306 20.40 -19.94 17.88
CA VAL B 306 21.35 -18.87 18.14
C VAL B 306 22.07 -19.23 19.42
N ASP B 307 23.23 -19.89 19.30
CA ASP B 307 23.88 -20.55 20.42
C ASP B 307 25.00 -19.71 21.03
N GLY B 308 25.39 -18.64 20.36
CA GLY B 308 26.54 -17.85 20.78
C GLY B 308 27.85 -18.44 20.29
N ASP B 309 27.77 -19.56 19.59
CA ASP B 309 28.95 -20.28 19.09
C ASP B 309 28.98 -20.43 17.55
N PHE B 310 28.21 -21.39 17.00
CA PHE B 310 28.09 -21.48 15.54
C PHE B 310 27.53 -20.16 14.99
N LEU B 311 26.41 -19.71 15.56
CA LEU B 311 25.90 -18.37 15.29
C LEU B 311 26.22 -17.47 16.48
N SER B 312 27.25 -16.63 16.35
CA SER B 312 27.62 -15.68 17.41
C SER B 312 26.53 -14.66 17.79
N ASP B 313 25.55 -14.46 16.91
CA ASP B 313 24.41 -13.59 17.20
C ASP B 313 23.22 -14.04 16.35
N THR B 314 22.12 -13.29 16.35
CA THR B 314 21.06 -13.58 15.40
C THR B 314 21.59 -13.34 13.98
N PRO B 315 21.06 -14.08 13.00
CA PRO B 315 21.45 -13.84 11.60
C PRO B 315 21.19 -12.39 11.19
N GLU B 316 20.11 -11.81 11.73
CA GLU B 316 19.77 -10.43 11.48
C GLU B 316 20.90 -9.51 11.89
N ALA B 317 21.30 -9.61 13.15
CA ALA B 317 22.43 -8.83 13.64
C ALA B 317 23.70 -9.04 12.82
N LEU B 318 23.99 -10.29 12.45
CA LEU B 318 25.22 -10.58 11.71
C LEU B 318 25.15 -10.05 10.28
N ILE B 319 24.00 -10.14 9.62
CA ILE B 319 23.93 -9.60 8.25
C ILE B 319 23.85 -8.07 8.27
N ASN B 320 23.57 -7.47 9.43
CA ASN B 320 23.48 -6.01 9.54
C ASN B 320 24.82 -5.34 9.82
N THR B 321 25.81 -6.11 10.26
CA THR B 321 27.07 -5.56 10.77
C THR B 321 28.31 -6.21 10.15
N GLY B 322 28.10 -7.18 9.27
CA GLY B 322 29.21 -7.93 8.72
C GLY B 322 29.89 -7.25 7.55
N ASP B 323 31.09 -7.71 7.20
CA ASP B 323 31.80 -7.24 6.01
C ASP B 323 31.83 -8.37 5.00
N PHE B 324 31.14 -8.19 3.89
CA PHE B 324 31.03 -9.27 2.91
C PHE B 324 31.76 -8.96 1.61
N GLN B 325 32.90 -8.29 1.73
CA GLN B 325 33.60 -7.76 0.57
C GLN B 325 34.15 -8.82 -0.39
N ASP B 326 34.49 -10.00 0.11
CA ASP B 326 35.11 -11.00 -0.75
C ASP B 326 34.16 -12.14 -1.12
N LEU B 327 32.87 -11.86 -1.03
CA LEU B 327 31.84 -12.86 -1.22
C LEU B 327 30.92 -12.56 -2.43
N GLN B 328 30.79 -13.53 -3.33
CA GLN B 328 29.78 -13.45 -4.38
C GLN B 328 28.62 -14.37 -4.00
N VAL B 329 27.41 -13.89 -4.27
CA VAL B 329 26.19 -14.60 -3.89
C VAL B 329 25.17 -14.52 -5.02
N LEU B 330 24.49 -15.64 -5.26
CA LEU B 330 23.39 -15.70 -6.18
C LEU B 330 22.15 -16.09 -5.39
N VAL B 331 21.14 -15.21 -5.37
CA VAL B 331 19.91 -15.42 -4.58
C VAL B 331 18.66 -15.22 -5.41
N GLY B 332 17.56 -15.82 -4.99
CA GLY B 332 16.36 -15.79 -5.79
C GLY B 332 15.16 -16.47 -5.17
N VAL B 333 14.04 -16.42 -5.88
CA VAL B 333 12.78 -16.96 -5.43
C VAL B 333 12.00 -17.50 -6.63
N VAL B 334 10.90 -18.20 -6.36
CA VAL B 334 9.98 -18.58 -7.43
C VAL B 334 8.74 -17.66 -7.34
N LYS B 335 7.85 -17.72 -8.33
CA LYS B 335 6.77 -16.74 -8.42
C LYS B 335 5.70 -16.87 -7.34
N ASP B 336 5.45 -18.10 -6.89
CA ASP B 336 4.40 -18.36 -5.92
C ASP B 336 4.92 -19.19 -4.77
N GLU B 337 5.80 -18.60 -3.98
CA GLU B 337 6.42 -19.30 -2.86
C GLU B 337 5.40 -19.90 -1.89
N GLY B 338 4.42 -19.12 -1.50
CA GLY B 338 3.39 -19.60 -0.61
C GLY B 338 2.36 -20.66 -0.97
N SER B 339 2.33 -21.16 -2.19
CA SER B 339 1.36 -22.18 -2.56
C SER B 339 1.44 -23.47 -1.76
N TYR B 340 2.54 -24.21 -1.86
CA TYR B 340 2.70 -25.42 -1.06
C TYR B 340 2.34 -25.16 0.38
N PHE B 341 2.54 -24.02 0.93
CA PHE B 341 2.20 -24.12 2.31
C PHE B 341 0.74 -24.09 2.66
N LEU B 342 -0.08 -23.62 1.75
CA LEU B 342 -1.49 -23.51 2.03
C LEU B 342 -2.29 -24.78 2.26
N VAL B 343 -2.10 -25.76 1.40
CA VAL B 343 -2.86 -27.01 1.49
C VAL B 343 -2.61 -27.77 2.79
N TYR B 344 -1.51 -27.46 3.45
CA TYR B 344 -1.13 -28.12 4.70
C TYR B 344 -1.66 -27.43 5.95
N GLY B 345 -1.89 -26.12 5.89
CA GLY B 345 -2.19 -25.38 7.10
C GLY B 345 -3.42 -24.48 7.12
N VAL B 346 -3.85 -23.99 5.96
CA VAL B 346 -4.93 -23.03 5.96
C VAL B 346 -6.26 -23.65 5.52
N PRO B 347 -7.26 -23.60 6.40
CA PRO B 347 -8.62 -24.08 6.09
C PRO B 347 -9.19 -23.43 4.84
N GLY B 348 -9.59 -24.25 3.87
CA GLY B 348 -10.17 -23.76 2.64
C GLY B 348 -9.31 -24.09 1.43
N PHE B 349 -8.17 -24.73 1.67
CA PHE B 349 -7.22 -25.03 0.58
C PHE B 349 -7.01 -26.53 0.40
N SER B 350 -6.83 -26.94 -0.86
CA SER B 350 -6.69 -28.35 -1.23
C SER B 350 -6.08 -28.47 -2.62
N LYS B 351 -5.43 -29.59 -2.89
CA LYS B 351 -4.82 -29.83 -4.20
C LYS B 351 -5.87 -30.25 -5.22
N ASP B 352 -7.10 -30.51 -4.76
CA ASP B 352 -8.11 -31.20 -5.56
C ASP B 352 -9.20 -30.27 -6.11
N ASN B 353 -9.38 -29.10 -5.50
CA ASN B 353 -10.28 -28.08 -6.03
C ASN B 353 -9.51 -26.77 -6.19
N GLU B 354 -10.19 -25.72 -6.66
CA GLU B 354 -9.48 -24.48 -6.98
C GLU B 354 -9.37 -23.51 -5.79
N SER B 355 -9.71 -24.02 -4.61
CA SER B 355 -9.41 -23.35 -3.35
C SER B 355 -9.94 -21.91 -3.26
N LEU B 356 -11.04 -21.66 -3.95
CA LEU B 356 -11.69 -20.36 -3.94
C LEU B 356 -12.30 -20.11 -2.56
N ILE B 357 -11.57 -19.41 -1.71
CA ILE B 357 -11.96 -19.15 -0.33
C ILE B 357 -12.79 -17.85 -0.09
N SER B 358 -13.49 -17.83 1.04
CA SER B 358 -14.24 -16.68 1.51
C SER B 358 -13.34 -15.68 2.22
N ARG B 359 -13.82 -14.47 2.41
CA ARG B 359 -13.05 -13.42 3.08
C ARG B 359 -12.87 -13.77 4.55
N ALA B 360 -13.85 -14.47 5.12
CA ALA B 360 -13.73 -14.95 6.50
C ALA B 360 -12.53 -15.90 6.60
N GLN B 361 -12.40 -16.77 5.60
CA GLN B 361 -11.29 -17.71 5.52
C GLN B 361 -9.95 -16.99 5.40
N PHE B 362 -9.87 -16.04 4.48
CA PHE B 362 -8.66 -15.25 4.29
C PHE B 362 -8.20 -14.59 5.61
N LEU B 363 -9.16 -14.08 6.39
CA LEU B 363 -8.85 -13.44 7.65
C LEU B 363 -8.30 -14.41 8.66
N ALA B 364 -8.86 -15.60 8.68
CA ALA B 364 -8.41 -16.66 9.57
C ALA B 364 -7.04 -17.18 9.12
N GLY B 365 -6.88 -17.32 7.81
CA GLY B 365 -5.63 -17.77 7.23
C GLY B 365 -4.47 -16.85 7.54
N VAL B 366 -4.73 -15.56 7.64
CA VAL B 366 -3.67 -14.60 7.93
C VAL B 366 -3.16 -14.82 9.36
N ARG B 367 -4.03 -15.27 10.26
CA ARG B 367 -3.63 -15.53 11.64
C ARG B 367 -2.67 -16.69 11.69
N ILE B 368 -2.85 -17.63 10.76
CA ILE B 368 -1.96 -18.77 10.62
C ILE B 368 -0.59 -18.36 10.06
N GLY B 369 -0.60 -17.67 8.93
CA GLY B 369 0.62 -17.26 8.26
C GLY B 369 1.47 -16.32 9.08
N VAL B 370 0.83 -15.52 9.92
CA VAL B 370 1.55 -14.63 10.81
C VAL B 370 1.16 -14.90 12.26
N PRO B 371 1.54 -16.07 12.77
CA PRO B 371 1.08 -16.54 14.08
C PRO B 371 1.57 -15.65 15.22
N GLN B 372 2.70 -14.99 14.97
CA GLN B 372 3.37 -14.15 15.96
C GLN B 372 2.63 -12.84 16.21
N ALA B 373 1.67 -12.53 15.35
CA ALA B 373 1.20 -11.15 15.17
C ALA B 373 0.11 -10.67 16.12
N SER B 374 0.24 -9.42 16.57
CA SER B 374 -0.79 -8.76 17.35
C SER B 374 -2.03 -8.56 16.49
N ASP B 375 -3.17 -8.25 17.11
CA ASP B 375 -4.39 -7.98 16.34
C ASP B 375 -4.15 -6.92 15.28
N LEU B 376 -3.54 -5.82 15.68
CA LEU B 376 -3.29 -4.70 14.79
C LEU B 376 -2.41 -5.07 13.59
N ALA B 377 -1.40 -5.90 13.82
CA ALA B 377 -0.53 -6.28 12.72
C ALA B 377 -1.23 -7.20 11.72
N ALA B 378 -2.12 -8.07 12.22
CA ALA B 378 -2.90 -8.94 11.33
C ALA B 378 -3.82 -8.08 10.48
N GLU B 379 -4.52 -7.16 11.14
CA GLU B 379 -5.39 -6.21 10.46
C GLU B 379 -4.60 -5.45 9.39
N ALA B 380 -3.37 -5.06 9.72
CA ALA B 380 -2.50 -4.42 8.74
C ALA B 380 -2.14 -5.35 7.55
N VAL B 381 -1.86 -6.63 7.80
CA VAL B 381 -1.57 -7.58 6.70
C VAL B 381 -2.81 -7.78 5.82
N VAL B 382 -3.97 -7.93 6.46
CA VAL B 382 -5.24 -8.03 5.76
C VAL B 382 -5.50 -6.83 4.86
N LEU B 383 -5.24 -5.63 5.38
CA LEU B 383 -5.61 -4.43 4.62
C LEU B 383 -4.63 -4.21 3.47
N HIS B 384 -3.35 -4.52 3.70
CA HIS B 384 -2.35 -4.35 2.65
C HIS B 384 -2.58 -5.32 1.50
N TYR B 385 -3.12 -6.50 1.79
CA TYR B 385 -3.21 -7.56 0.78
C TYR B 385 -4.57 -7.67 0.10
N THR B 386 -5.56 -6.96 0.67
CA THR B 386 -6.87 -6.85 0.04
C THR B 386 -6.78 -6.06 -1.27
N ASP B 387 -7.50 -6.55 -2.29
CA ASP B 387 -7.73 -5.75 -3.48
C ASP B 387 -9.11 -5.08 -3.35
N TRP B 388 -9.11 -3.76 -3.15
CA TRP B 388 -10.33 -3.09 -2.70
C TRP B 388 -11.33 -2.86 -3.82
N LEU B 389 -10.93 -3.20 -5.05
CA LEU B 389 -11.87 -3.22 -6.17
C LEU B 389 -12.71 -4.49 -6.13
N HIS B 390 -12.08 -5.60 -5.74
CA HIS B 390 -12.77 -6.88 -5.58
C HIS B 390 -12.40 -7.51 -4.23
N PRO B 391 -12.82 -6.90 -3.10
CA PRO B 391 -12.38 -7.34 -1.76
C PRO B 391 -12.99 -8.66 -1.29
N GLU B 392 -13.81 -9.26 -2.13
CA GLU B 392 -14.56 -10.46 -1.74
C GLU B 392 -14.45 -11.56 -2.80
N ASP B 393 -13.82 -11.24 -3.94
CA ASP B 393 -13.57 -12.24 -4.96
C ASP B 393 -12.68 -13.37 -4.41
N PRO B 394 -13.20 -14.61 -4.44
CA PRO B 394 -12.45 -15.78 -3.94
C PRO B 394 -11.13 -15.96 -4.68
N THR B 395 -11.10 -15.86 -6.00
CA THR B 395 -9.82 -15.98 -6.71
C THR B 395 -8.81 -14.95 -6.21
N HIS B 396 -9.28 -13.76 -5.81
CA HIS B 396 -8.34 -12.73 -5.36
C HIS B 396 -7.83 -13.03 -3.95
N LEU B 397 -8.69 -13.60 -3.11
CA LEU B 397 -8.35 -13.92 -1.73
C LEU B 397 -7.41 -15.15 -1.63
N ARG B 398 -7.72 -16.16 -2.44
CA ARG B 398 -6.89 -17.35 -2.57
C ARG B 398 -5.47 -16.92 -2.94
N ASP B 399 -5.35 -16.15 -4.03
CA ASP B 399 -4.04 -15.70 -4.50
C ASP B 399 -3.30 -14.84 -3.48
N ALA B 400 -4.05 -14.03 -2.72
CA ALA B 400 -3.46 -13.18 -1.70
C ALA B 400 -2.92 -13.99 -0.52
N MET B 401 -3.70 -14.97 -0.07
CA MET B 401 -3.30 -15.85 1.02
C MET B 401 -1.95 -16.46 0.74
N SER B 402 -1.76 -16.91 -0.49
CA SER B 402 -0.50 -17.47 -0.97
C SER B 402 0.63 -16.45 -0.97
N ALA B 403 0.28 -15.20 -1.24
CA ALA B 403 1.28 -14.14 -1.30
C ALA B 403 1.69 -13.73 0.12
N VAL B 404 0.75 -13.75 1.05
CA VAL B 404 1.06 -13.43 2.43
C VAL B 404 2.11 -14.40 2.99
N VAL B 405 1.90 -15.69 2.78
CA VAL B 405 2.77 -16.71 3.35
C VAL B 405 4.12 -16.68 2.67
N GLY B 406 4.10 -16.53 1.34
CA GLY B 406 5.32 -16.52 0.56
C GLY B 406 6.20 -15.31 0.80
N ASP B 407 5.56 -14.14 0.83
CA ASP B 407 6.28 -12.89 1.01
C ASP B 407 6.86 -12.80 2.42
N HIS B 408 6.08 -13.17 3.43
CA HIS B 408 6.57 -13.12 4.82
C HIS B 408 7.70 -14.12 5.14
N ASN B 409 7.69 -15.29 4.50
CA ASN B 409 8.63 -16.34 4.89
C ASN B 409 9.81 -16.54 3.93
N VAL B 410 9.68 -16.14 2.67
CA VAL B 410 10.76 -16.30 1.71
C VAL B 410 11.14 -15.00 1.00
N VAL B 411 10.23 -14.49 0.15
CA VAL B 411 10.47 -13.30 -0.69
C VAL B 411 11.03 -12.07 0.06
N CYS B 412 10.45 -11.69 1.19
CA CYS B 412 10.97 -10.49 1.84
C CYS B 412 12.23 -10.77 2.67
N PRO B 413 12.32 -11.95 3.32
CA PRO B 413 13.66 -12.28 3.83
C PRO B 413 14.76 -12.29 2.76
N VAL B 414 14.46 -12.74 1.53
CA VAL B 414 15.48 -12.77 0.47
C VAL B 414 15.84 -11.33 0.06
N ALA B 415 14.81 -10.50 -0.06
CA ALA B 415 14.99 -9.09 -0.39
C ALA B 415 15.86 -8.39 0.66
N GLN B 416 15.55 -8.64 1.93
CA GLN B 416 16.36 -8.07 2.98
C GLN B 416 17.81 -8.56 2.94
N LEU B 417 18.03 -9.86 2.75
CA LEU B 417 19.39 -10.39 2.73
C LEU B 417 20.15 -9.83 1.53
N ALA B 418 19.50 -9.84 0.37
CA ALA B 418 20.09 -9.35 -0.86
C ALA B 418 20.61 -7.92 -0.66
N GLY B 419 19.72 -7.06 -0.15
CA GLY B 419 20.03 -5.68 0.13
C GLY B 419 21.12 -5.45 1.17
N ARG B 420 21.09 -6.20 2.27
CA ARG B 420 22.15 -6.08 3.26
C ARG B 420 23.51 -6.53 2.71
N LEU B 421 23.54 -7.68 2.02
CA LEU B 421 24.82 -8.20 1.53
C LEU B 421 25.39 -7.24 0.50
N ALA B 422 24.53 -6.69 -0.35
CA ALA B 422 24.96 -5.72 -1.36
C ALA B 422 25.58 -4.50 -0.70
N ALA B 423 24.82 -3.90 0.20
CA ALA B 423 25.22 -2.70 0.93
C ALA B 423 26.56 -2.89 1.64
N GLN B 424 26.83 -4.09 2.12
CA GLN B 424 28.05 -4.29 2.89
C GLN B 424 29.10 -5.14 2.18
N GLY B 425 29.21 -4.97 0.87
CA GLY B 425 30.42 -5.40 0.18
C GLY B 425 30.31 -6.52 -0.84
N ALA B 426 29.25 -7.32 -0.73
CA ALA B 426 29.13 -8.53 -1.54
C ALA B 426 28.66 -8.25 -2.95
N ARG B 427 29.15 -9.07 -3.88
CA ARG B 427 28.63 -9.04 -5.23
C ARG B 427 27.40 -9.94 -5.28
N VAL B 428 26.25 -9.36 -5.63
CA VAL B 428 24.99 -10.08 -5.55
C VAL B 428 24.31 -10.17 -6.90
N TYR B 429 23.78 -11.34 -7.23
CA TYR B 429 22.90 -11.48 -8.38
C TYR B 429 21.56 -12.02 -7.90
N ALA B 430 20.47 -11.46 -8.40
CA ALA B 430 19.14 -11.85 -7.95
C ALA B 430 18.28 -12.29 -9.11
N TYR B 431 17.37 -13.22 -8.84
CA TYR B 431 16.49 -13.74 -9.87
C TYR B 431 15.12 -13.93 -9.27
N ILE B 432 14.14 -14.08 -10.13
CA ILE B 432 12.86 -14.65 -9.74
C ILE B 432 12.52 -15.68 -10.83
N PHE B 433 12.37 -16.94 -10.40
CA PHE B 433 12.08 -18.05 -11.31
C PHE B 433 10.57 -18.12 -11.65
N GLU B 434 10.24 -18.09 -12.93
CA GLU B 434 8.83 -17.98 -13.33
C GLU B 434 8.32 -19.03 -14.33
N HIS B 435 9.09 -20.06 -14.64
CA HIS B 435 8.57 -21.13 -15.48
C HIS B 435 7.86 -22.18 -14.67
N ARG B 436 6.61 -22.49 -15.01
CA ARG B 436 5.96 -23.65 -14.41
C ARG B 436 6.26 -24.90 -15.23
N ALA B 437 6.68 -25.96 -14.56
CA ALA B 437 7.06 -27.20 -15.22
C ALA B 437 5.86 -27.86 -15.90
N SER B 438 6.01 -28.16 -17.19
CA SER B 438 4.96 -28.81 -17.99
C SER B 438 4.50 -30.12 -17.37
N THR B 439 5.42 -30.76 -16.64
CA THR B 439 5.15 -32.05 -16.01
C THR B 439 4.59 -31.93 -14.60
N LEU B 440 4.32 -30.71 -14.16
CA LEU B 440 3.92 -30.50 -12.76
C LEU B 440 2.59 -31.18 -12.45
N THR B 441 2.54 -31.83 -11.28
CA THR B 441 1.38 -32.63 -10.89
C THR B 441 0.56 -31.94 -9.82
N TRP B 442 0.90 -30.70 -9.47
CA TRP B 442 0.07 -29.88 -8.57
C TRP B 442 -0.93 -29.07 -9.40
N PRO B 443 -2.03 -28.58 -8.77
CA PRO B 443 -3.04 -27.88 -9.58
C PRO B 443 -2.54 -26.57 -10.20
N LEU B 444 -3.25 -26.09 -11.21
CA LEU B 444 -2.86 -24.86 -11.92
C LEU B 444 -2.84 -23.64 -11.00
N TRP B 445 -3.77 -23.56 -10.05
CA TRP B 445 -3.88 -22.36 -9.20
C TRP B 445 -2.65 -22.10 -8.31
N MET B 446 -1.77 -23.09 -8.19
CA MET B 446 -0.59 -22.95 -7.36
C MET B 446 0.58 -22.32 -8.11
N GLY B 447 0.41 -22.12 -9.42
CA GLY B 447 1.38 -21.41 -10.23
C GLY B 447 2.74 -22.09 -10.30
N VAL B 448 3.78 -21.33 -9.97
CA VAL B 448 5.15 -21.87 -9.86
C VAL B 448 5.52 -22.03 -8.38
N PRO B 449 5.23 -23.21 -7.80
CA PRO B 449 5.29 -23.43 -6.34
C PRO B 449 6.70 -23.61 -5.80
N HIS B 450 6.84 -23.36 -4.50
CA HIS B 450 8.09 -23.58 -3.79
C HIS B 450 8.77 -24.91 -4.11
N GLY B 451 10.01 -24.87 -4.58
CA GLY B 451 10.76 -26.08 -4.85
C GLY B 451 10.87 -26.54 -6.29
N TYR B 452 9.99 -26.05 -7.16
CA TYR B 452 9.92 -26.59 -8.52
C TYR B 452 10.80 -25.84 -9.53
N GLU B 453 11.83 -25.18 -9.01
CA GLU B 453 12.88 -24.63 -9.84
C GLU B 453 14.05 -25.61 -9.88
N ILE B 454 14.13 -26.45 -8.84
CA ILE B 454 15.29 -27.29 -8.62
C ILE B 454 15.57 -28.23 -9.79
N GLU B 455 14.52 -28.86 -10.33
CA GLU B 455 14.74 -29.86 -11.36
C GLU B 455 15.33 -29.27 -12.62
N PHE B 456 15.03 -28.01 -12.90
CA PHE B 456 15.61 -27.33 -14.05
C PHE B 456 17.06 -26.96 -13.83
N ILE B 457 17.38 -26.53 -12.61
CA ILE B 457 18.75 -26.23 -12.24
C ILE B 457 19.64 -27.47 -12.37
N PHE B 458 19.10 -28.62 -11.98
CA PHE B 458 19.86 -29.86 -11.97
C PHE B 458 19.90 -30.55 -13.34
N GLY B 459 19.09 -30.07 -14.27
CA GLY B 459 19.14 -30.55 -15.64
C GLY B 459 18.29 -31.77 -15.92
N LEU B 460 17.31 -32.03 -15.07
CA LEU B 460 16.44 -33.19 -15.26
C LEU B 460 15.67 -33.20 -16.58
N PRO B 461 15.37 -32.01 -17.14
CA PRO B 461 14.75 -32.10 -18.47
C PRO B 461 15.63 -32.66 -19.59
N LEU B 462 16.92 -32.86 -19.34
CA LEU B 462 17.80 -33.42 -20.36
C LEU B 462 17.58 -34.93 -20.53
N ASP B 463 17.10 -35.57 -19.47
CA ASP B 463 16.69 -36.98 -19.53
C ASP B 463 15.41 -37.04 -20.35
N PRO B 464 15.49 -37.62 -21.55
CA PRO B 464 14.35 -37.59 -22.49
C PRO B 464 13.18 -38.41 -21.96
N SER B 465 13.48 -39.39 -21.11
CA SER B 465 12.48 -40.29 -20.58
C SER B 465 11.61 -39.67 -19.51
N LEU B 466 11.81 -38.39 -19.21
CA LEU B 466 11.01 -37.72 -18.19
C LEU B 466 9.94 -36.85 -18.84
N ASN B 467 9.96 -36.77 -20.16
CA ASN B 467 8.88 -36.17 -20.94
C ASN B 467 8.71 -34.65 -20.72
N TYR B 468 9.83 -33.94 -20.64
CA TYR B 468 9.80 -32.48 -20.62
C TYR B 468 9.81 -31.96 -22.04
N THR B 469 9.23 -30.78 -22.26
CA THR B 469 9.18 -30.17 -23.60
C THR B 469 10.57 -29.77 -24.07
N THR B 470 10.72 -29.63 -25.38
CA THR B 470 12.02 -29.33 -25.97
C THR B 470 12.52 -27.96 -25.51
N GLU B 471 11.59 -27.00 -25.34
CA GLU B 471 11.96 -25.67 -24.84
C GLU B 471 12.51 -25.76 -23.42
N GLU B 472 11.87 -26.60 -22.60
CA GLU B 472 12.34 -26.86 -21.24
C GLU B 472 13.73 -27.49 -21.24
N ARG B 473 14.02 -28.34 -22.22
CA ARG B 473 15.36 -28.88 -22.36
C ARG B 473 16.37 -27.77 -22.65
N ILE B 474 15.92 -26.73 -23.35
CA ILE B 474 16.80 -25.62 -23.70
C ILE B 474 16.93 -24.65 -22.53
N PHE B 475 15.80 -24.41 -21.86
CA PHE B 475 15.75 -23.63 -20.63
C PHE B 475 16.69 -24.18 -19.57
N ALA B 476 16.49 -25.46 -19.24
CA ALA B 476 17.31 -26.13 -18.24
C ALA B 476 18.81 -26.03 -18.54
N GLN B 477 19.20 -26.10 -19.81
CA GLN B 477 20.62 -25.97 -20.13
C GLN B 477 21.12 -24.56 -19.85
N ARG B 478 20.24 -23.57 -20.03
CA ARG B 478 20.57 -22.19 -19.71
C ARG B 478 20.88 -22.02 -18.21
N LEU B 479 19.95 -22.44 -17.35
CA LEU B 479 20.15 -22.36 -15.90
C LEU B 479 21.42 -23.10 -15.45
N MET B 480 21.68 -24.27 -16.02
CA MET B 480 22.89 -25.02 -15.69
C MET B 480 24.12 -24.20 -16.03
N LYS B 481 24.01 -23.39 -17.09
CA LYS B 481 25.10 -22.52 -17.53
C LYS B 481 25.26 -21.35 -16.57
N TYR B 482 24.15 -20.78 -16.09
CA TYR B 482 24.23 -19.68 -15.14
C TYR B 482 24.90 -20.16 -13.85
N TRP B 483 24.30 -21.17 -13.25
CA TRP B 483 24.86 -21.77 -12.05
C TRP B 483 26.33 -22.21 -12.18
N THR B 484 26.74 -22.87 -13.27
CA THR B 484 28.16 -23.24 -13.36
C THR B 484 29.04 -22.06 -13.79
N ASN B 485 28.53 -21.14 -14.60
CA ASN B 485 29.30 -19.92 -14.84
C ASN B 485 29.52 -19.20 -13.51
N PHE B 486 28.49 -19.19 -12.67
CA PHE B 486 28.63 -18.53 -11.38
C PHE B 486 29.64 -19.28 -10.51
N ALA B 487 29.58 -20.61 -10.50
CA ALA B 487 30.53 -21.40 -9.72
C ALA B 487 31.96 -21.10 -10.14
N ARG B 488 32.21 -21.17 -11.45
CA ARG B 488 33.54 -20.90 -12.00
C ARG B 488 34.04 -19.48 -11.74
N THR B 489 33.19 -18.48 -11.91
CA THR B 489 33.68 -17.10 -12.02
C THR B 489 33.17 -16.10 -10.97
N GLY B 490 32.11 -16.45 -10.26
CA GLY B 490 31.46 -15.49 -9.39
C GLY B 490 30.49 -14.62 -10.17
N ASP B 491 30.12 -15.07 -11.37
CA ASP B 491 29.33 -14.27 -12.30
C ASP B 491 28.55 -15.19 -13.25
N PRO B 492 27.20 -15.11 -13.21
CA PRO B 492 26.38 -16.03 -14.00
C PRO B 492 26.46 -15.80 -15.50
N ASN B 493 26.98 -14.65 -15.91
CA ASN B 493 27.06 -14.32 -17.32
C ASN B 493 28.17 -15.10 -18.01
N ASP B 494 28.09 -15.23 -19.32
CA ASP B 494 29.03 -16.06 -20.08
C ASP B 494 30.27 -15.29 -20.59
N PRO B 495 31.48 -15.68 -20.14
CA PRO B 495 32.77 -14.98 -20.44
C PRO B 495 33.15 -14.93 -21.94
N ARG B 496 32.46 -15.72 -22.76
CA ARG B 496 32.38 -15.53 -24.21
C ARG B 496 30.98 -16.00 -24.60
N ASP B 497 30.03 -15.07 -24.50
CA ASP B 497 28.63 -15.42 -24.28
C ASP B 497 27.79 -15.81 -25.48
N SER B 498 26.48 -15.79 -25.26
CA SER B 498 25.49 -15.98 -26.31
C SER B 498 24.95 -14.63 -26.75
N LYS B 499 25.60 -13.55 -26.30
CA LYS B 499 25.15 -12.17 -26.54
C LYS B 499 23.63 -12.03 -26.37
N SER B 500 23.17 -12.45 -25.20
CA SER B 500 21.79 -12.25 -24.75
C SER B 500 21.83 -11.02 -23.85
N PRO B 501 20.71 -10.67 -23.18
CA PRO B 501 20.95 -9.53 -22.30
C PRO B 501 21.81 -9.93 -21.10
N GLN B 502 22.63 -9.01 -20.62
CA GLN B 502 23.46 -9.31 -19.46
C GLN B 502 22.62 -9.30 -18.21
N TRP B 503 23.04 -10.11 -17.23
CA TRP B 503 22.45 -10.15 -15.91
C TRP B 503 23.22 -9.19 -14.98
N PRO B 504 22.61 -8.05 -14.62
CA PRO B 504 23.28 -7.06 -13.77
C PRO B 504 23.36 -7.47 -12.30
N PRO B 505 24.46 -7.09 -11.62
CA PRO B 505 24.50 -7.27 -10.17
C PRO B 505 23.35 -6.55 -9.49
N TYR B 506 22.82 -7.15 -8.44
CA TYR B 506 21.83 -6.50 -7.58
C TYR B 506 22.55 -5.51 -6.64
N THR B 507 22.00 -4.31 -6.53
CA THR B 507 22.61 -3.22 -5.77
C THR B 507 21.53 -2.51 -4.99
N THR B 508 21.91 -1.85 -3.90
CA THR B 508 20.95 -1.12 -3.07
C THR B 508 20.59 0.22 -3.68
N ALA B 509 20.91 0.38 -4.96
CA ALA B 509 20.62 1.62 -5.67
C ALA B 509 19.67 1.38 -6.85
N ALA B 510 20.03 0.43 -7.70
CA ALA B 510 19.22 0.11 -8.87
C ALA B 510 18.32 -1.10 -8.60
N GLN B 511 18.62 -1.81 -7.52
CA GLN B 511 17.82 -2.98 -7.14
C GLN B 511 17.45 -3.91 -8.33
N GLN B 512 18.36 -4.07 -9.27
CA GLN B 512 18.13 -4.93 -10.43
C GLN B 512 18.17 -6.45 -10.16
N TYR B 513 17.28 -7.17 -10.85
CA TYR B 513 17.22 -8.63 -10.77
C TYR B 513 16.63 -9.17 -12.07
N VAL B 514 16.90 -10.42 -12.41
CA VAL B 514 16.34 -10.96 -13.65
C VAL B 514 15.15 -11.89 -13.45
N SER B 515 14.41 -12.15 -14.54
CA SER B 515 13.40 -13.19 -14.54
C SER B 515 13.95 -14.41 -15.28
N LEU B 516 13.76 -15.58 -14.71
CA LEU B 516 14.18 -16.81 -15.37
C LEU B 516 12.93 -17.51 -15.87
N ASN B 517 12.80 -17.58 -17.19
CA ASN B 517 11.67 -18.24 -17.85
C ASN B 517 12.09 -18.60 -19.27
N LEU B 518 11.13 -18.93 -20.12
CA LEU B 518 11.47 -19.47 -21.45
C LEU B 518 11.98 -18.37 -22.37
N LYS B 519 11.48 -17.16 -22.17
CA LYS B 519 11.96 -15.98 -22.90
C LYS B 519 13.36 -15.61 -22.41
N PRO B 520 14.11 -14.83 -23.21
CA PRO B 520 15.42 -14.34 -22.80
C PRO B 520 15.38 -13.55 -21.47
N LEU B 521 16.54 -13.47 -20.82
CA LEU B 521 16.67 -12.70 -19.57
C LEU B 521 15.95 -11.35 -19.66
N GLU B 522 15.15 -11.05 -18.67
CA GLU B 522 14.54 -9.74 -18.58
C GLU B 522 14.96 -9.06 -17.29
N VAL B 523 15.53 -7.86 -17.39
CA VAL B 523 15.92 -7.13 -16.20
C VAL B 523 14.76 -6.31 -15.63
N ARG B 524 14.48 -6.51 -14.35
CA ARG B 524 13.46 -5.76 -13.62
C ARG B 524 14.11 -5.01 -12.48
N ARG B 525 13.33 -4.22 -11.74
CA ARG B 525 13.87 -3.42 -10.63
C ARG B 525 12.92 -3.39 -9.45
N GLY B 526 13.48 -3.68 -8.28
CA GLY B 526 12.69 -3.76 -7.05
C GLY B 526 12.09 -5.14 -6.87
N LEU B 527 12.61 -5.91 -5.94
CA LEU B 527 12.08 -7.23 -5.73
C LEU B 527 10.90 -7.15 -4.75
N ARG B 528 9.69 -7.01 -5.29
CA ARG B 528 8.47 -6.81 -4.50
C ARG B 528 8.78 -5.68 -3.51
N ALA B 529 9.39 -4.62 -4.05
CA ALA B 529 9.89 -3.47 -3.29
C ALA B 529 8.87 -2.79 -2.37
N GLN B 530 7.67 -2.55 -2.86
CA GLN B 530 6.69 -1.88 -2.02
C GLN B 530 6.26 -2.85 -0.92
N THR B 531 5.79 -4.03 -1.32
CA THR B 531 5.32 -4.99 -0.35
C THR B 531 6.42 -5.41 0.67
N CYS B 532 7.67 -5.55 0.23
CA CYS B 532 8.68 -5.95 1.20
C CYS B 532 9.14 -4.78 2.08
N ALA B 533 8.87 -3.54 1.65
CA ALA B 533 9.11 -2.38 2.52
C ALA B 533 8.12 -2.44 3.68
N PHE B 534 6.92 -2.91 3.39
CA PHE B 534 5.89 -3.10 4.41
C PHE B 534 6.32 -4.13 5.45
N TRP B 535 6.81 -5.28 5.02
CA TRP B 535 7.21 -6.35 5.95
C TRP B 535 8.52 -6.06 6.72
N ASN B 536 9.54 -5.56 6.04
CA ASN B 536 10.83 -5.39 6.72
C ASN B 536 11.02 -4.04 7.41
N ARG B 537 10.24 -3.03 7.00
CA ARG B 537 10.43 -1.69 7.52
C ARG B 537 9.31 -1.20 8.41
N PHE B 538 8.06 -1.49 8.05
CA PHE B 538 6.95 -0.99 8.84
C PHE B 538 6.46 -1.98 9.88
N LEU B 539 6.07 -3.16 9.40
CA LEU B 539 5.36 -4.10 10.25
C LEU B 539 6.05 -4.50 11.57
N PRO B 540 7.41 -4.54 11.60
CA PRO B 540 8.03 -4.73 12.91
C PRO B 540 7.61 -3.69 13.95
N LYS B 541 7.49 -2.42 13.56
CA LYS B 541 7.12 -1.34 14.48
C LYS B 541 5.70 -1.50 15.04
N LEU B 542 5.04 -2.60 14.71
CA LEU B 542 3.62 -2.80 14.98
C LEU B 542 3.35 -3.94 15.96
N LEU B 543 4.36 -4.76 16.21
CA LEU B 543 4.37 -5.59 17.40
C LEU B 543 5.36 -4.91 18.37
N SER B 544 5.45 -3.59 18.22
CA SER B 544 6.38 -2.76 18.99
C SER B 544 5.97 -1.27 18.86
#